data_3HMX
#
_entry.id   3HMX
#
_cell.length_a   55.092
_cell.length_b   116.435
_cell.length_c   182.781
_cell.angle_alpha   90.00
_cell.angle_beta   90.00
_cell.angle_gamma   90.00
#
_symmetry.space_group_name_H-M   'P 21 21 21'
#
loop_
_entity.id
_entity.type
_entity.pdbx_description
1 polymer 'Interleukin-12 subunit beta'
2 polymer 'Interleukin-12 subunit alpha'
3 polymer 'USTEKINUMAB FAB LIGHT CHAIN'
4 polymer 'USTEKINUMAB FAB HEAVY CHAIN'
5 branched alpha-D-mannopyranose-(1-3)-[alpha-D-mannopyranose-(1-6)]beta-D-mannopyranose-(1-4)-2-acetamido-2-deoxy-beta-D-glucopyranose-(1-4)-2-acetamido-2-deoxy-beta-D-glucopyranose
6 water water
#
loop_
_entity_poly.entity_id
_entity_poly.type
_entity_poly.pdbx_seq_one_letter_code
_entity_poly.pdbx_strand_id
1 'polypeptide(L)'
;IWELKKDVYVVELDWYPDAPGEMVVLTCDTPEEDGITWTLDQSSEVLGSGKTLTIQVKEFGDAGQYTCHKGGEVLSHSLL
LLHKKEDGIWSTDILKDQKEPKNKTFLRCEAKNYSGRFTCWWLTTISTDLTFSVKSSRGSSDPQGVTCGAATLSAERVRG
DNKEYEYSVECQEDSACPAAEESLPIEVMVDAVHKLKYENYTSSFFIRDIIKPDPPKNLQLKPLKNSRQVEVSWEYPDTW
STPHSYFSLTFCVQVQGKSKREKKDRVFTDKTSATVICRKNASISVRAQDRYYSSSWSEWASVPCS
;
A
2 'polypeptide(L)'
;RNLPVATPDPGMFPCLHHSQNLLRAVSNMLQKARQTLEFYPCTSEEIDHEDITKDKTSTVEACLPLELTKNESCLNSRET
SFITNGSCLASRKTSFMMALCLSSIYEDLKMYQVEFKTMNAKLLMDPKRQIFLDQNMLAVIDELMQALNFNSETVPQKSS
LEEPDFYKTKIKLCILLHAFRIRAVTIDRVMSYLNAS
;
B
3 'polypeptide(L)'
;DIQMTQSPSSLSASVGDRVTITCRASQGISSWLAWYQQKPEKAPKSLIYAASSLQSGVPSRFSGSGSGTDFTLTISSLQP
EDFATYYCQQYNIYPYTFGQGTKLEIKRTVAAPSVFIFPPSDEQLKSGTASVVCLLNNFYPREAKVQWKVDNALQSGNSQ
ESVTEQDSKDSTYSLSSTLTLSKADYEKHKVYACEVTHQGLSSPVTKSFNRGEC
;
L
4 'polypeptide(L)'
;EVQLVQSGAEVKKPGESLKISCKGSGYSFTTYWLGWVRQMPGKGLDWIGIMSPVDSDIRYSPSFQGQVTMSVDKSITTAY
LQWNSLKASDTAMYYCARRRPGQGYFDFWGQGTLVTVSSSSTKGPSVFPLAPSSKSTSGGTAALGCLVKDYFPEPVTVSW
NSGALTSGVHTFPAVLQSSGLYSLSSVVTVPSSSLGTQTYICNVNHKPSNTKVDKRVEPKSCDKTH
;
H
#
loop_
_chem_comp.id
_chem_comp.type
_chem_comp.name
_chem_comp.formula
BMA D-saccharide, beta linking beta-D-mannopyranose 'C6 H12 O6'
MAN D-saccharide, alpha linking alpha-D-mannopyranose 'C6 H12 O6'
NAG D-saccharide, beta linking 2-acetamido-2-deoxy-beta-D-glucopyranose 'C8 H15 N O6'
#
# COMPACT_ATOMS: atom_id res chain seq x y z
N ILE A 1 0.77 12.11 -10.37
CA ILE A 1 0.77 11.17 -11.48
C ILE A 1 1.65 11.65 -12.62
N TRP A 2 2.63 10.84 -12.98
CA TRP A 2 3.51 11.17 -14.10
C TRP A 2 3.60 10.05 -15.13
N GLU A 3 4.23 10.34 -16.25
CA GLU A 3 4.29 9.38 -17.36
C GLU A 3 5.63 8.65 -17.40
N LEU A 4 5.57 7.33 -17.48
CA LEU A 4 6.76 6.51 -17.65
C LEU A 4 7.03 6.34 -19.14
N LYS A 5 6.43 5.31 -19.75
CA LYS A 5 6.38 5.19 -21.20
C LYS A 5 5.15 5.96 -21.68
N LYS A 6 4.93 5.96 -22.99
CA LYS A 6 3.69 6.50 -23.53
C LYS A 6 2.59 5.55 -23.12
N ASP A 7 1.53 6.10 -22.53
CA ASP A 7 0.38 5.30 -22.11
C ASP A 7 0.67 4.43 -20.89
N VAL A 8 1.72 4.78 -20.15
CA VAL A 8 2.05 4.12 -18.90
C VAL A 8 2.37 5.17 -17.84
N TYR A 9 1.53 5.25 -16.81
CA TYR A 9 1.67 6.28 -15.78
C TYR A 9 1.91 5.71 -14.41
N VAL A 10 2.71 6.42 -13.61
CA VAL A 10 2.97 6.03 -12.25
C VAL A 10 2.34 7.02 -11.28
N VAL A 11 1.67 6.50 -10.26
CA VAL A 11 1.20 7.37 -9.19
C VAL A 11 1.84 6.95 -7.86
N GLU A 12 2.31 7.93 -7.11
CA GLU A 12 2.99 7.66 -5.87
C GLU A 12 2.06 7.87 -4.68
N LEU A 13 2.12 6.97 -3.70
CA LEU A 13 1.33 7.15 -2.48
C LEU A 13 1.96 6.56 -1.21
N ASP A 14 1.82 7.29 -0.10
CA ASP A 14 2.43 6.95 1.19
C ASP A 14 1.56 5.97 1.97
N TRP A 15 2.18 5.09 2.75
CA TRP A 15 1.43 4.06 3.46
C TRP A 15 1.06 4.35 4.91
N TYR A 16 0.89 5.61 5.27
CA TYR A 16 0.32 5.93 6.58
C TYR A 16 -1.20 5.84 6.51
N PRO A 17 -1.79 5.07 7.45
CA PRO A 17 -3.19 4.63 7.43
C PRO A 17 -4.17 5.76 7.08
N ASP A 18 -4.08 6.86 7.83
CA ASP A 18 -4.96 8.01 7.64
C ASP A 18 -4.44 8.95 6.56
N ALA A 19 -4.06 8.39 5.43
CA ALA A 19 -3.61 9.16 4.28
C ALA A 19 -4.56 8.90 3.11
N PRO A 20 -4.74 9.91 2.25
CA PRO A 20 -5.71 9.85 1.14
C PRO A 20 -5.22 9.04 -0.05
N GLY A 21 -6.07 8.99 -1.07
CA GLY A 21 -5.68 8.48 -2.37
C GLY A 21 -5.57 9.67 -3.30
N GLU A 22 -5.30 9.42 -4.57
CA GLU A 22 -5.13 10.51 -5.53
C GLU A 22 -6.29 10.52 -6.52
N MET A 23 -6.84 11.69 -6.77
CA MET A 23 -7.94 11.83 -7.72
C MET A 23 -7.39 12.08 -9.11
N VAL A 24 -7.29 11.01 -9.88
CA VAL A 24 -6.72 11.12 -11.22
C VAL A 24 -7.77 11.08 -12.31
N VAL A 25 -7.52 11.83 -13.38
CA VAL A 25 -8.45 11.94 -14.49
C VAL A 25 -7.86 11.35 -15.76
N LEU A 26 -8.43 10.23 -16.20
CA LEU A 26 -7.96 9.55 -17.39
C LEU A 26 -8.64 10.08 -18.64
N THR A 27 -7.85 10.59 -19.57
CA THR A 27 -8.38 11.06 -20.84
C THR A 27 -8.15 9.99 -21.89
N CYS A 28 -9.05 9.92 -22.86
CA CYS A 28 -8.95 8.91 -23.91
C CYS A 28 -8.24 9.46 -25.14
N ASP A 29 -7.30 8.67 -25.67
CA ASP A 29 -6.52 9.06 -26.84
C ASP A 29 -7.39 8.97 -28.10
N THR A 30 -8.41 9.82 -28.18
CA THR A 30 -9.34 9.78 -29.30
C THR A 30 -9.82 11.16 -29.70
N PRO A 31 -10.19 11.33 -30.98
CA PRO A 31 -10.75 12.56 -31.52
C PRO A 31 -12.21 12.76 -31.12
N GLU A 32 -13.03 11.74 -31.36
CA GLU A 32 -14.46 11.84 -31.05
C GLU A 32 -14.73 11.58 -29.59
N GLU A 33 -15.74 12.29 -29.06
CA GLU A 33 -15.98 12.31 -27.63
C GLU A 33 -17.38 11.81 -27.30
N ASP A 34 -17.96 11.04 -28.22
CA ASP A 34 -19.31 10.55 -28.08
C ASP A 34 -19.40 9.34 -27.15
N GLY A 35 -20.16 8.32 -27.58
CA GLY A 35 -20.50 7.19 -26.72
C GLY A 35 -19.41 6.19 -26.41
N ILE A 36 -18.44 6.60 -25.60
CA ILE A 36 -17.37 5.70 -25.17
C ILE A 36 -17.60 5.24 -23.73
N THR A 37 -16.95 4.14 -23.37
CA THR A 37 -17.10 3.55 -22.05
C THR A 37 -15.76 3.00 -21.56
N TRP A 38 -15.60 2.86 -20.25
CA TRP A 38 -14.33 2.42 -19.69
C TRP A 38 -14.39 1.06 -19.03
N THR A 39 -13.23 0.43 -18.88
CA THR A 39 -13.13 -0.91 -18.34
C THR A 39 -11.78 -1.00 -17.62
N LEU A 40 -11.53 -2.09 -16.90
CA LEU A 40 -10.26 -2.27 -16.20
C LEU A 40 -9.75 -3.69 -16.32
N ASP A 41 -8.47 -3.86 -16.66
CA ASP A 41 -7.92 -5.19 -16.87
C ASP A 41 -8.81 -5.98 -17.82
N GLN A 42 -9.18 -7.20 -17.42
CA GLN A 42 -9.90 -8.10 -18.31
C GLN A 42 -11.41 -8.14 -18.06
N SER A 43 -11.86 -7.37 -17.08
CA SER A 43 -13.28 -7.27 -16.75
C SER A 43 -14.03 -6.53 -17.86
N SER A 44 -15.29 -6.90 -18.08
CA SER A 44 -16.09 -6.28 -19.14
C SER A 44 -16.97 -5.17 -18.60
N GLU A 45 -16.94 -5.00 -17.28
CA GLU A 45 -17.86 -4.10 -16.61
C GLU A 45 -17.50 -2.64 -16.77
N VAL A 46 -18.45 -1.86 -17.29
CA VAL A 46 -18.31 -0.42 -17.41
C VAL A 46 -18.02 0.26 -16.08
N LEU A 47 -17.00 1.12 -16.08
CA LEU A 47 -16.66 1.89 -14.90
C LEU A 47 -17.28 3.27 -14.99
N GLY A 48 -17.52 3.72 -16.21
CA GLY A 48 -18.04 5.05 -16.44
C GLY A 48 -18.00 5.43 -17.90
N SER A 49 -18.43 6.66 -18.20
CA SER A 49 -18.51 7.09 -19.58
C SER A 49 -17.97 8.49 -19.75
N GLY A 50 -17.71 8.86 -21.00
CA GLY A 50 -17.08 10.14 -21.31
C GLY A 50 -15.67 9.96 -21.79
N LYS A 51 -15.21 10.88 -22.64
CA LYS A 51 -13.83 10.85 -23.11
C LYS A 51 -12.90 10.89 -21.90
N THR A 52 -13.44 11.34 -20.78
CA THR A 52 -12.66 11.46 -19.56
C THR A 52 -13.24 10.61 -18.43
N LEU A 53 -12.36 9.95 -17.68
CA LEU A 53 -12.77 9.15 -16.53
C LEU A 53 -12.02 9.56 -15.27
N THR A 54 -12.75 10.17 -14.33
CA THR A 54 -12.15 10.55 -13.05
C THR A 54 -12.28 9.39 -12.07
N ILE A 55 -11.17 9.04 -11.42
CA ILE A 55 -11.17 7.94 -10.46
C ILE A 55 -10.33 8.31 -9.24
N GLN A 56 -10.34 7.45 -8.23
CA GLN A 56 -9.45 7.59 -7.09
C GLN A 56 -8.49 6.41 -7.06
N VAL A 57 -7.24 6.68 -6.74
CA VAL A 57 -6.24 5.62 -6.64
C VAL A 57 -5.68 5.51 -5.24
N LYS A 58 -6.05 4.43 -4.53
CA LYS A 58 -5.64 4.23 -3.16
C LYS A 58 -4.95 2.86 -2.97
N GLU A 59 -5.35 1.88 -3.76
CA GLU A 59 -4.81 0.52 -3.62
C GLU A 59 -4.43 -0.11 -4.96
N PHE A 60 -3.65 -1.19 -4.92
CA PHE A 60 -3.31 -1.93 -6.14
C PHE A 60 -4.56 -2.43 -6.87
N GLY A 61 -5.69 -2.41 -6.19
CA GLY A 61 -6.95 -2.77 -6.80
C GLY A 61 -7.42 -1.70 -7.78
N ASP A 62 -6.82 -0.52 -7.71
CA ASP A 62 -7.16 0.59 -8.59
C ASP A 62 -6.19 0.69 -9.75
N ALA A 63 -5.14 -0.13 -9.72
CA ALA A 63 -4.11 -0.07 -10.74
C ALA A 63 -4.43 -1.03 -11.87
N GLY A 64 -3.54 -1.10 -12.85
CA GLY A 64 -3.77 -1.96 -13.99
C GLY A 64 -4.19 -1.14 -15.18
N GLN A 65 -4.70 -1.80 -16.21
CA GLN A 65 -4.93 -1.09 -17.45
C GLN A 65 -6.36 -0.72 -17.67
N TYR A 66 -6.63 0.58 -17.65
CA TYR A 66 -7.93 1.10 -17.99
C TYR A 66 -8.00 1.20 -19.52
N THR A 67 -9.09 0.70 -20.09
CA THR A 67 -9.27 0.72 -21.54
C THR A 67 -10.60 1.38 -21.89
N CYS A 68 -10.56 2.38 -22.77
CA CYS A 68 -11.77 3.00 -23.26
C CYS A 68 -12.23 2.36 -24.57
N HIS A 69 -13.55 2.20 -24.73
CA HIS A 69 -14.10 1.50 -25.89
C HIS A 69 -15.06 2.38 -26.69
N LYS A 70 -15.49 1.87 -27.84
CA LYS A 70 -16.56 2.50 -28.60
C LYS A 70 -17.01 1.62 -29.75
N GLY A 71 -18.23 1.09 -29.65
CA GLY A 71 -18.77 0.21 -30.67
C GLY A 71 -18.26 -1.20 -30.55
N GLY A 72 -17.80 -1.56 -29.35
CA GLY A 72 -17.32 -2.92 -29.08
C GLY A 72 -15.82 -3.05 -29.18
N GLU A 73 -15.25 -2.47 -30.23
CA GLU A 73 -13.81 -2.51 -30.44
C GLU A 73 -13.08 -1.52 -29.54
N VAL A 74 -11.88 -1.90 -29.11
CA VAL A 74 -11.05 -1.09 -28.21
C VAL A 74 -10.57 0.21 -28.84
N LEU A 75 -10.43 1.26 -28.02
CA LEU A 75 -10.02 2.57 -28.50
C LEU A 75 -8.57 2.91 -28.15
N SER A 76 -8.28 2.95 -26.84
CA SER A 76 -6.92 3.11 -26.36
C SER A 76 -6.83 2.59 -24.93
N HIS A 77 -5.70 2.81 -24.26
CA HIS A 77 -5.56 2.32 -22.89
C HIS A 77 -4.62 3.18 -22.05
N SER A 78 -4.72 3.02 -20.74
CA SER A 78 -3.83 3.67 -19.79
C SER A 78 -3.49 2.66 -18.71
N LEU A 79 -2.24 2.21 -18.69
CA LEU A 79 -1.79 1.37 -17.60
C LEU A 79 -1.37 2.28 -16.44
N LEU A 80 -1.55 1.81 -15.21
CA LEU A 80 -1.12 2.57 -14.05
C LEU A 80 -0.29 1.69 -13.13
N LEU A 81 0.84 2.20 -12.68
CA LEU A 81 1.64 1.48 -11.71
C LEU A 81 1.72 2.31 -10.45
N LEU A 82 1.97 1.66 -9.33
CA LEU A 82 2.05 2.37 -8.06
C LEU A 82 3.49 2.42 -7.57
N HIS A 83 3.95 3.61 -7.19
CA HIS A 83 5.23 3.74 -6.52
C HIS A 83 4.93 4.01 -5.05
N LYS A 84 5.36 3.07 -4.20
CA LYS A 84 4.97 3.02 -2.80
C LYS A 84 6.02 3.65 -1.88
N LYS A 85 5.60 4.65 -1.12
CA LYS A 85 6.47 5.39 -0.23
C LYS A 85 6.10 5.03 1.21
N GLU A 86 6.86 4.12 1.81
CA GLU A 86 6.46 3.53 3.09
C GLU A 86 6.41 4.55 4.23
N ASP A 87 7.43 5.38 4.33
CA ASP A 87 7.49 6.42 5.36
C ASP A 87 8.73 7.26 5.14
N GLY A 88 8.69 8.12 4.13
CA GLY A 88 9.87 8.85 3.73
C GLY A 88 10.60 8.09 2.65
N ILE A 89 10.89 6.82 2.91
CA ILE A 89 11.60 5.98 1.96
C ILE A 89 10.67 5.29 0.95
N TRP A 90 11.18 5.06 -0.25
CA TRP A 90 10.44 4.36 -1.29
C TRP A 90 10.65 2.86 -1.16
N SER A 91 9.78 2.08 -1.78
CA SER A 91 9.87 0.64 -1.68
C SER A 91 11.03 0.05 -2.49
N THR A 92 11.64 -0.99 -1.94
CA THR A 92 12.72 -1.71 -2.60
C THR A 92 12.51 -3.21 -2.39
N ASP A 93 11.39 -3.71 -2.89
CA ASP A 93 10.99 -5.09 -2.61
C ASP A 93 11.59 -6.09 -3.58
N ILE A 94 11.67 -5.71 -4.86
CA ILE A 94 12.03 -6.67 -5.91
C ILE A 94 13.51 -7.01 -5.97
N LEU A 95 14.37 -6.00 -5.88
CA LEU A 95 15.82 -6.24 -5.90
C LEU A 95 16.34 -6.51 -4.50
N LYS A 96 17.19 -7.52 -4.37
CA LYS A 96 17.74 -7.86 -3.06
C LYS A 96 18.88 -6.92 -2.68
N ASP A 97 18.96 -6.58 -1.40
CA ASP A 97 20.04 -5.74 -0.92
C ASP A 97 21.27 -6.59 -0.61
N GLN A 98 22.12 -6.74 -1.61
CA GLN A 98 23.40 -7.40 -1.40
C GLN A 98 24.33 -6.47 -0.63
N LYS A 99 24.15 -6.42 0.69
CA LYS A 99 24.91 -5.52 1.54
C LYS A 99 26.38 -5.90 1.62
N GLU A 100 27.06 -5.85 0.48
CA GLU A 100 28.46 -6.21 0.42
C GLU A 100 29.38 -5.00 0.59
N PRO A 101 29.29 -4.01 -0.33
CA PRO A 101 30.12 -2.82 -0.17
C PRO A 101 29.71 -2.05 1.08
N LYS A 102 28.96 -0.97 0.89
CA LYS A 102 28.33 -0.30 2.02
C LYS A 102 27.08 -1.09 2.37
N ASN A 103 25.94 -0.42 2.43
CA ASN A 103 24.66 -1.10 2.52
C ASN A 103 23.77 -0.60 1.40
N LYS A 104 22.52 -1.03 1.39
CA LYS A 104 21.59 -0.62 0.34
C LYS A 104 22.31 -0.57 -1.01
N THR A 105 23.07 -1.62 -1.29
CA THR A 105 23.74 -1.78 -2.58
C THR A 105 22.92 -2.76 -3.41
N PHE A 106 21.92 -2.25 -4.12
CA PHE A 106 20.97 -3.10 -4.85
C PHE A 106 21.50 -3.51 -6.22
N LEU A 107 22.16 -2.57 -6.89
CA LEU A 107 22.74 -2.83 -8.20
C LEU A 107 24.27 -2.60 -8.17
N ARG A 108 25.00 -3.57 -8.71
CA ARG A 108 26.47 -3.58 -8.66
C ARG A 108 27.08 -3.48 -10.05
N CYS A 109 28.35 -3.06 -10.10
CA CYS A 109 29.02 -2.85 -11.38
C CYS A 109 30.48 -3.32 -11.40
N GLU A 110 30.93 -3.77 -12.58
CA GLU A 110 32.32 -4.13 -12.83
C GLU A 110 32.74 -3.73 -14.24
N ALA A 111 34.03 -3.44 -14.40
CA ALA A 111 34.61 -3.08 -15.69
C ALA A 111 35.96 -3.79 -15.86
N LYS A 112 36.21 -4.34 -17.05
CA LYS A 112 37.44 -5.07 -17.29
C LYS A 112 38.55 -4.21 -17.88
N ASN A 113 38.30 -2.90 -17.94
CA ASN A 113 39.31 -1.95 -18.39
C ASN A 113 38.84 -0.50 -18.37
N TYR A 114 39.63 0.39 -18.97
CA TYR A 114 39.32 1.81 -18.98
C TYR A 114 38.69 2.25 -20.30
N SER A 115 38.05 1.32 -21.00
CA SER A 115 37.51 1.61 -22.32
C SER A 115 36.22 2.41 -22.25
N GLY A 116 35.39 2.10 -21.27
CA GLY A 116 34.09 2.72 -21.14
C GLY A 116 33.00 1.67 -21.07
N ARG A 117 33.33 0.46 -21.52
CA ARG A 117 32.44 -0.68 -21.41
C ARG A 117 32.42 -1.18 -19.97
N PHE A 118 31.23 -1.29 -19.39
CA PHE A 118 31.07 -1.94 -18.09
C PHE A 118 29.79 -2.78 -18.05
N THR A 119 29.68 -3.65 -17.04
CA THR A 119 28.50 -4.49 -16.87
C THR A 119 27.93 -4.43 -15.45
N CYS A 120 26.64 -4.11 -15.36
CA CYS A 120 25.94 -4.11 -14.07
C CYS A 120 25.08 -5.36 -13.90
N TRP A 121 24.79 -5.70 -12.64
CA TRP A 121 23.97 -6.87 -12.34
C TRP A 121 23.27 -6.77 -10.99
N TRP A 122 21.98 -7.04 -10.97
CA TRP A 122 21.20 -7.03 -9.74
C TRP A 122 20.64 -8.41 -9.44
N LEU A 123 20.19 -8.60 -8.20
CA LEU A 123 19.62 -9.88 -7.76
C LEU A 123 18.17 -9.75 -7.33
N THR A 124 17.38 -10.80 -7.60
CA THR A 124 15.96 -10.80 -7.27
C THR A 124 15.40 -12.20 -7.04
N THR A 125 14.52 -12.34 -6.05
CA THR A 125 13.87 -13.63 -5.78
C THR A 125 12.64 -13.83 -6.66
N ILE A 126 12.14 -12.74 -7.22
CA ILE A 126 10.99 -12.77 -8.12
C ILE A 126 11.37 -13.41 -9.44
N SER A 127 10.38 -13.99 -10.12
CA SER A 127 10.64 -14.71 -11.36
C SER A 127 9.49 -14.57 -12.37
N THR A 128 8.64 -13.57 -12.17
CA THR A 128 7.50 -13.40 -13.06
C THR A 128 7.06 -11.94 -13.14
N ASP A 129 6.48 -11.57 -14.27
CA ASP A 129 5.95 -10.23 -14.48
C ASP A 129 6.98 -9.15 -14.19
N LEU A 130 8.22 -9.42 -14.61
CA LEU A 130 9.32 -8.47 -14.43
C LEU A 130 9.67 -7.77 -15.73
N THR A 131 9.99 -6.49 -15.63
CA THR A 131 10.31 -5.67 -16.79
C THR A 131 11.21 -4.52 -16.36
N PHE A 132 12.44 -4.54 -16.85
CA PHE A 132 13.42 -3.52 -16.47
C PHE A 132 13.70 -2.52 -17.58
N SER A 133 14.50 -1.52 -17.25
CA SER A 133 14.90 -0.50 -18.20
C SER A 133 16.09 0.20 -17.62
N VAL A 134 17.17 0.30 -18.38
CA VAL A 134 18.38 0.94 -17.87
C VAL A 134 18.78 2.17 -18.66
N LYS A 135 19.19 3.21 -17.95
CA LYS A 135 19.68 4.43 -18.56
C LYS A 135 20.91 4.91 -17.78
N SER A 136 21.78 5.69 -18.42
CA SER A 136 23.00 6.12 -17.75
C SER A 136 23.62 7.39 -18.32
N SER A 137 24.47 8.03 -17.52
CA SER A 137 25.14 9.26 -17.91
C SER A 137 26.17 9.69 -16.88
N ARG A 138 27.20 10.41 -17.33
CA ARG A 138 28.18 10.98 -16.42
C ARG A 138 27.95 12.48 -16.27
N GLY A 139 27.55 12.89 -15.08
CA GLY A 139 27.29 14.29 -14.80
C GLY A 139 26.06 14.77 -15.52
N SER A 140 25.65 16.00 -15.22
CA SER A 140 24.48 16.59 -15.84
C SER A 140 24.76 16.94 -17.30
N SER A 141 26.04 16.90 -17.67
CA SER A 141 26.44 17.23 -19.03
C SER A 141 26.04 16.12 -20.02
N ASP A 142 26.75 16.04 -21.13
CA ASP A 142 26.42 15.11 -22.22
C ASP A 142 25.44 14.00 -21.86
N PRO A 143 24.17 14.20 -22.21
CA PRO A 143 23.11 13.20 -22.01
C PRO A 143 23.39 11.94 -22.83
N GLN A 144 24.17 12.11 -23.90
CA GLN A 144 24.59 10.99 -24.74
C GLN A 144 25.87 10.35 -24.20
N GLY A 145 26.57 9.66 -25.09
CA GLY A 145 27.76 8.93 -24.70
C GLY A 145 27.36 7.56 -24.16
N VAL A 146 27.03 7.52 -22.87
CA VAL A 146 26.63 6.28 -22.22
C VAL A 146 25.29 5.75 -22.73
N THR A 147 25.34 4.58 -23.37
CA THR A 147 24.13 3.90 -23.83
C THR A 147 24.12 2.49 -23.28
N CYS A 148 22.93 1.93 -23.08
CA CYS A 148 22.79 0.67 -22.39
C CYS A 148 21.94 -0.34 -23.15
N GLY A 149 22.31 -1.60 -23.05
CA GLY A 149 21.55 -2.66 -23.68
C GLY A 149 20.31 -3.01 -22.89
N ALA A 150 19.91 -4.27 -23.01
CA ALA A 150 18.72 -4.77 -22.35
C ALA A 150 19.11 -5.69 -21.20
N ALA A 151 18.42 -5.55 -20.07
CA ALA A 151 18.69 -6.40 -18.93
C ALA A 151 18.32 -7.82 -19.30
N THR A 152 19.19 -8.78 -18.99
CA THR A 152 18.92 -10.17 -19.29
C THR A 152 19.17 -11.09 -18.10
N LEU A 153 18.58 -12.28 -18.14
CA LEU A 153 18.80 -13.28 -17.10
C LEU A 153 20.22 -13.83 -17.23
N SER A 154 20.84 -14.20 -16.10
CA SER A 154 22.24 -14.58 -16.11
C SER A 154 22.57 -15.74 -15.17
N ALA A 155 21.75 -15.95 -14.14
CA ALA A 155 22.04 -17.00 -13.15
C ALA A 155 20.80 -17.56 -12.44
N GLU A 156 21.03 -18.54 -11.56
CA GLU A 156 19.98 -19.11 -10.73
C GLU A 156 20.59 -19.85 -9.54
N ARG A 157 21.22 -19.08 -8.65
CA ARG A 157 21.91 -19.63 -7.49
C ARG A 157 20.95 -19.93 -6.35
N VAL A 158 20.28 -21.07 -6.44
CA VAL A 158 19.25 -21.44 -5.47
C VAL A 158 19.73 -21.34 -4.03
N ARG A 159 18.80 -20.95 -3.15
CA ARG A 159 19.08 -20.78 -1.73
C ARG A 159 17.94 -21.37 -0.90
N GLY A 160 18.19 -21.61 0.38
CA GLY A 160 17.18 -22.14 1.28
C GLY A 160 15.80 -21.61 1.01
N ASP A 161 14.92 -22.48 0.51
CA ASP A 161 13.55 -22.12 0.16
C ASP A 161 13.46 -21.38 -1.18
N ASN A 162 13.56 -20.05 -1.13
CA ASN A 162 13.41 -19.23 -2.33
C ASN A 162 14.64 -19.27 -3.25
N LYS A 163 14.39 -19.37 -4.55
CA LYS A 163 15.46 -19.40 -5.54
C LYS A 163 15.86 -17.99 -5.98
N GLU A 164 17.16 -17.77 -6.16
CA GLU A 164 17.67 -16.46 -6.52
C GLU A 164 17.91 -16.36 -8.03
N TYR A 165 17.63 -15.19 -8.60
CA TYR A 165 17.75 -14.97 -10.03
C TYR A 165 18.57 -13.71 -10.29
N GLU A 166 19.62 -13.84 -11.09
CA GLU A 166 20.50 -12.70 -11.36
C GLU A 166 20.32 -12.13 -12.77
N TYR A 167 20.21 -10.81 -12.85
CA TYR A 167 20.05 -10.12 -14.12
C TYR A 167 21.25 -9.23 -14.34
N SER A 168 21.76 -9.19 -15.56
CA SER A 168 22.87 -8.31 -15.87
C SER A 168 22.57 -7.44 -17.10
N VAL A 169 23.36 -6.38 -17.24
CA VAL A 169 23.22 -5.47 -18.37
C VAL A 169 24.60 -4.95 -18.79
N GLU A 170 24.72 -4.54 -20.05
CA GLU A 170 26.00 -4.05 -20.56
C GLU A 170 25.88 -2.59 -21.01
N CYS A 171 26.93 -1.82 -20.75
CA CYS A 171 26.91 -0.39 -21.06
C CYS A 171 28.22 0.09 -21.65
N GLN A 172 28.14 1.19 -22.39
CA GLN A 172 29.26 1.71 -23.13
C GLN A 172 29.23 3.23 -23.11
N GLU A 173 30.20 3.81 -22.42
CA GLU A 173 30.42 5.26 -22.46
C GLU A 173 31.21 5.60 -23.73
N ASP A 174 30.79 6.67 -24.41
CA ASP A 174 31.47 7.13 -25.62
C ASP A 174 31.56 8.64 -25.64
N SER A 175 32.63 9.19 -25.08
CA SER A 175 32.83 10.64 -25.05
C SER A 175 33.43 11.14 -26.35
N ALA A 176 32.83 12.19 -26.90
CA ALA A 176 33.34 12.79 -28.13
C ALA A 176 34.80 13.21 -27.98
N CYS A 177 35.20 13.44 -26.74
CA CYS A 177 36.59 13.73 -26.41
C CYS A 177 36.93 13.12 -25.05
N PRO A 178 37.68 12.00 -25.07
CA PRO A 178 38.05 11.27 -23.85
C PRO A 178 38.97 12.08 -22.93
N ALA A 179 38.69 12.01 -21.63
CA ALA A 179 39.47 12.73 -20.63
C ALA A 179 40.49 11.79 -19.98
N ALA A 180 41.58 12.36 -19.48
CA ALA A 180 42.65 11.57 -18.87
C ALA A 180 42.35 11.20 -17.42
N GLU A 181 41.14 11.53 -16.97
CA GLU A 181 40.77 11.43 -15.57
C GLU A 181 39.29 11.71 -15.39
N GLU A 182 38.63 10.92 -14.55
CA GLU A 182 37.20 11.08 -14.31
C GLU A 182 36.92 12.09 -13.20
N SER A 183 36.22 13.16 -13.54
CA SER A 183 35.91 14.19 -12.55
C SER A 183 34.51 14.03 -11.97
N LEU A 184 33.62 13.39 -12.74
CA LEU A 184 32.26 13.13 -12.29
C LEU A 184 31.97 11.64 -12.34
N PRO A 185 31.12 11.15 -11.43
CA PRO A 185 30.84 9.72 -11.37
C PRO A 185 29.86 9.31 -12.45
N ILE A 186 30.02 8.10 -12.97
CA ILE A 186 29.00 7.52 -13.83
C ILE A 186 27.79 7.17 -12.97
N GLU A 187 26.60 7.35 -13.53
CA GLU A 187 25.37 7.10 -12.78
C GLU A 187 24.44 6.12 -13.51
N VAL A 188 24.00 5.09 -12.81
CA VAL A 188 23.07 4.11 -13.39
C VAL A 188 21.65 4.18 -12.83
N MET A 189 20.67 4.17 -13.73
CA MET A 189 19.27 4.22 -13.34
C MET A 189 18.47 3.04 -13.85
N VAL A 190 17.98 2.20 -12.94
CA VAL A 190 17.14 1.06 -13.30
C VAL A 190 15.69 1.27 -12.89
N ASP A 191 14.78 1.20 -13.86
CA ASP A 191 13.35 1.17 -13.60
C ASP A 191 12.91 -0.28 -13.46
N ALA A 192 12.42 -0.65 -12.28
CA ALA A 192 11.95 -2.00 -12.05
C ALA A 192 10.42 -2.06 -11.96
N VAL A 193 9.79 -2.87 -12.80
CA VAL A 193 8.34 -3.07 -12.71
C VAL A 193 7.94 -4.52 -12.49
N HIS A 194 7.29 -4.79 -11.36
CA HIS A 194 6.82 -6.12 -11.03
C HIS A 194 5.31 -6.16 -10.93
N LYS A 195 4.68 -6.73 -11.95
CA LYS A 195 3.23 -6.68 -12.08
C LYS A 195 2.78 -5.23 -12.13
N LEU A 196 2.20 -4.76 -11.03
CA LEU A 196 1.68 -3.39 -10.94
C LEU A 196 2.59 -2.47 -10.12
N LYS A 197 3.57 -3.06 -9.44
CA LYS A 197 4.48 -2.28 -8.58
C LYS A 197 5.62 -1.69 -9.38
N TYR A 198 5.82 -0.38 -9.24
CA TYR A 198 6.96 0.28 -9.88
C TYR A 198 8.00 0.69 -8.84
N GLU A 199 9.26 0.64 -9.22
CA GLU A 199 10.33 1.11 -8.36
C GLU A 199 11.50 1.53 -9.26
N ASN A 200 12.35 2.44 -8.80
CA ASN A 200 13.58 2.72 -9.53
C ASN A 200 14.82 2.83 -8.66
N TYR A 201 15.89 2.19 -9.10
CA TYR A 201 17.15 2.21 -8.36
C TYR A 201 18.21 3.07 -9.04
N THR A 202 19.23 3.42 -8.27
CA THR A 202 20.30 4.30 -8.75
C THR A 202 21.64 3.92 -8.12
N SER A 203 22.71 4.00 -8.90
CA SER A 203 24.05 3.89 -8.33
C SER A 203 25.06 4.79 -9.05
N SER A 204 25.92 5.44 -8.28
CA SER A 204 26.98 6.28 -8.83
C SER A 204 28.35 5.65 -8.60
N PHE A 205 29.23 5.76 -9.58
CA PHE A 205 30.58 5.22 -9.43
C PHE A 205 31.58 5.80 -10.40
N PHE A 206 32.85 5.65 -10.06
CA PHE A 206 33.91 5.91 -11.02
C PHE A 206 34.41 4.58 -11.55
N ILE A 207 34.64 4.55 -12.85
CA ILE A 207 35.20 3.36 -13.49
C ILE A 207 36.48 2.96 -12.78
N ARG A 208 37.28 3.94 -12.42
CA ARG A 208 38.53 3.69 -11.71
C ARG A 208 38.33 2.91 -10.42
N ASP A 209 37.08 2.77 -10.00
CA ASP A 209 36.79 2.12 -8.73
C ASP A 209 36.18 0.74 -8.87
N ILE A 210 35.62 0.46 -10.04
CA ILE A 210 34.95 -0.81 -10.20
C ILE A 210 35.61 -1.66 -11.28
N ILE A 211 36.93 -1.73 -11.21
CA ILE A 211 37.72 -2.41 -12.23
C ILE A 211 38.17 -3.79 -11.79
N LYS A 212 37.83 -4.79 -12.60
CA LYS A 212 38.37 -6.13 -12.46
C LYS A 212 38.97 -6.56 -13.79
N PRO A 213 40.29 -6.82 -13.81
CA PRO A 213 40.94 -7.22 -15.04
C PRO A 213 40.82 -8.72 -15.23
N ASP A 214 40.83 -9.17 -16.48
CA ASP A 214 40.87 -10.60 -16.74
C ASP A 214 42.17 -11.15 -16.17
N PRO A 215 42.20 -12.44 -15.84
CA PRO A 215 43.39 -13.06 -15.24
C PRO A 215 44.59 -12.98 -16.18
N PRO A 216 45.80 -13.06 -15.63
CA PRO A 216 47.02 -13.04 -16.44
C PRO A 216 46.91 -14.00 -17.64
N LYS A 217 47.54 -13.65 -18.75
CA LYS A 217 47.39 -14.39 -20.00
C LYS A 217 47.91 -15.83 -19.92
N ASN A 218 49.13 -16.07 -20.39
CA ASN A 218 49.69 -17.42 -20.41
C ASN A 218 51.02 -17.53 -19.68
N LEU A 219 51.18 -18.61 -18.92
CA LEU A 219 52.35 -18.78 -18.05
C LEU A 219 53.29 -19.87 -18.54
N GLN A 220 54.53 -19.82 -18.08
CA GLN A 220 55.51 -20.84 -18.43
C GLN A 220 56.43 -21.15 -17.24
N LEU A 221 57.39 -22.03 -17.47
CA LEU A 221 58.37 -22.41 -16.44
C LEU A 221 59.78 -22.41 -17.02
N LYS A 222 60.76 -22.68 -16.15
CA LYS A 222 62.16 -22.76 -16.59
C LYS A 222 63.08 -23.25 -15.47
N PRO A 223 63.01 -24.54 -15.13
CA PRO A 223 63.95 -25.12 -14.18
C PRO A 223 65.36 -25.25 -14.75
N LEU A 224 65.46 -25.20 -16.08
CA LEU A 224 66.73 -25.31 -16.79
C LEU A 224 67.33 -26.73 -16.73
N LYS A 225 68.63 -26.83 -16.46
CA LYS A 225 69.32 -28.11 -16.44
C LYS A 225 68.81 -29.06 -15.35
N ASN A 226 69.21 -28.80 -14.11
CA ASN A 226 68.84 -29.69 -13.01
C ASN A 226 68.54 -28.95 -11.70
N SER A 227 68.84 -27.66 -11.65
CA SER A 227 68.51 -26.84 -10.48
C SER A 227 67.02 -26.56 -10.48
N ARG A 228 66.39 -26.64 -9.31
CA ARG A 228 64.94 -26.51 -9.22
C ARG A 228 64.46 -25.13 -8.76
N GLN A 229 64.58 -24.15 -9.63
CA GLN A 229 64.06 -22.82 -9.38
C GLN A 229 62.96 -22.50 -10.39
N VAL A 230 61.73 -22.80 -10.03
CA VAL A 230 60.59 -22.56 -10.92
C VAL A 230 60.49 -21.08 -11.30
N GLU A 231 60.76 -20.79 -12.58
CA GLU A 231 60.67 -19.42 -13.08
C GLU A 231 59.34 -19.22 -13.81
N VAL A 232 58.61 -18.18 -13.44
CA VAL A 232 57.28 -17.93 -14.00
C VAL A 232 57.17 -16.58 -14.72
N SER A 233 56.68 -16.61 -15.96
CA SER A 233 56.44 -15.40 -16.73
C SER A 233 55.06 -15.46 -17.36
N TRP A 234 54.48 -14.28 -17.63
CA TRP A 234 53.17 -14.19 -18.24
C TRP A 234 53.11 -13.01 -19.20
N GLU A 235 51.90 -12.52 -19.46
CA GLU A 235 51.71 -11.40 -20.37
C GLU A 235 50.42 -10.67 -20.02
N TYR A 236 50.35 -9.38 -20.31
CA TYR A 236 49.15 -8.58 -20.00
C TYR A 236 47.90 -9.11 -20.71
N PRO A 237 46.78 -9.18 -19.97
CA PRO A 237 45.49 -9.66 -20.51
C PRO A 237 45.11 -8.91 -21.78
N ASP A 238 44.41 -9.60 -22.68
CA ASP A 238 44.06 -9.02 -23.97
C ASP A 238 43.07 -7.88 -23.85
N THR A 239 42.17 -7.99 -22.89
CA THR A 239 41.11 -6.99 -22.72
C THR A 239 41.63 -5.72 -22.04
N TRP A 240 42.70 -5.86 -21.27
CA TRP A 240 43.25 -4.70 -20.57
C TRP A 240 43.58 -3.56 -21.52
N SER A 241 43.37 -2.34 -21.05
CA SER A 241 43.53 -1.14 -21.87
C SER A 241 45.01 -0.88 -22.18
N THR A 242 45.27 -0.30 -23.35
CA THR A 242 46.64 -0.02 -23.78
C THR A 242 46.81 1.49 -23.98
N PRO A 243 48.04 2.00 -23.93
CA PRO A 243 49.37 1.37 -23.74
C PRO A 243 49.63 0.90 -22.32
N HIS A 244 50.12 -0.32 -22.17
CA HIS A 244 50.33 -0.92 -20.86
C HIS A 244 51.20 -0.07 -19.93
N SER A 245 51.87 0.94 -20.48
CA SER A 245 52.78 1.78 -19.70
C SER A 245 52.00 2.92 -19.05
N TYR A 246 51.05 3.45 -19.80
CA TYR A 246 50.17 4.50 -19.33
C TYR A 246 49.10 3.89 -18.45
N PHE A 247 48.92 2.58 -18.60
CA PHE A 247 47.94 1.82 -17.84
C PHE A 247 48.61 0.64 -17.16
N SER A 248 49.50 0.94 -16.23
CA SER A 248 50.29 -0.09 -15.55
C SER A 248 49.40 -1.10 -14.84
N LEU A 249 49.92 -2.31 -14.63
CA LEU A 249 49.28 -3.30 -13.77
C LEU A 249 50.18 -3.73 -12.63
N THR A 250 49.60 -4.46 -11.69
CA THR A 250 50.35 -5.10 -10.61
C THR A 250 49.86 -6.53 -10.45
N PHE A 251 50.65 -7.36 -9.77
CA PHE A 251 50.33 -8.78 -9.70
C PHE A 251 50.60 -9.37 -8.33
N CYS A 252 49.90 -10.45 -8.01
CA CYS A 252 50.18 -11.21 -6.81
C CYS A 252 50.38 -12.68 -7.15
N VAL A 253 51.59 -13.17 -6.89
CA VAL A 253 51.95 -14.55 -7.19
C VAL A 253 51.79 -15.45 -5.95
N GLN A 254 50.92 -16.44 -6.05
CA GLN A 254 50.61 -17.31 -4.91
C GLN A 254 51.10 -18.74 -5.13
N VAL A 255 50.38 -19.69 -4.52
CA VAL A 255 50.77 -21.09 -4.54
C VAL A 255 49.68 -21.92 -3.85
N GLN A 256 50.03 -23.08 -3.30
CA GLN A 256 49.08 -23.87 -2.52
C GLN A 256 49.39 -23.81 -1.04
N LYS A 264 53.40 -14.44 4.96
CA LYS A 264 53.66 -15.87 4.98
C LYS A 264 54.57 -16.30 3.84
N ASP A 265 54.08 -16.17 2.60
CA ASP A 265 54.87 -16.54 1.43
C ASP A 265 54.39 -15.86 0.15
N ARG A 266 53.40 -14.99 0.26
CA ARG A 266 52.85 -14.29 -0.91
C ARG A 266 53.81 -13.22 -1.43
N VAL A 267 53.95 -13.15 -2.76
CA VAL A 267 54.89 -12.22 -3.37
C VAL A 267 54.25 -11.29 -4.40
N PHE A 268 54.13 -10.02 -4.04
CA PHE A 268 53.58 -9.01 -4.94
C PHE A 268 54.69 -8.41 -5.80
N THR A 269 54.34 -7.92 -6.99
CA THR A 269 55.33 -7.40 -7.92
C THR A 269 54.72 -6.66 -9.11
N ASP A 270 55.49 -5.76 -9.70
CA ASP A 270 55.05 -4.97 -10.85
C ASP A 270 55.47 -5.56 -12.18
N LYS A 271 56.77 -5.84 -12.34
CA LYS A 271 57.28 -6.34 -13.60
C LYS A 271 56.52 -7.57 -14.08
N THR A 272 56.65 -7.89 -15.36
CA THR A 272 55.85 -8.93 -15.99
C THR A 272 56.46 -10.32 -15.87
N SER A 273 57.40 -10.49 -14.95
CA SER A 273 58.06 -11.77 -14.78
C SER A 273 58.75 -11.91 -13.41
N ALA A 274 58.86 -13.15 -12.94
CA ALA A 274 59.51 -13.44 -11.67
C ALA A 274 59.88 -14.91 -11.55
N THR A 275 60.51 -15.27 -10.43
CA THR A 275 60.93 -16.66 -10.18
C THR A 275 60.75 -17.03 -8.71
N VAL A 276 60.33 -18.26 -8.46
CA VAL A 276 60.05 -18.71 -7.10
C VAL A 276 60.74 -20.03 -6.75
N ILE A 277 60.24 -20.69 -5.71
CA ILE A 277 60.80 -21.95 -5.23
C ILE A 277 59.79 -23.10 -5.38
N CYS A 278 60.26 -24.25 -5.85
CA CYS A 278 59.38 -25.37 -6.18
C CYS A 278 58.89 -26.14 -4.95
N ARG A 279 57.94 -27.03 -5.17
CA ARG A 279 57.40 -27.87 -4.09
C ARG A 279 57.49 -29.35 -4.43
N SER A 283 49.54 -26.64 -6.70
CA SER A 283 49.01 -25.61 -7.59
C SER A 283 49.79 -24.30 -7.48
N ILE A 284 49.92 -23.61 -8.61
CA ILE A 284 50.51 -22.28 -8.64
C ILE A 284 49.49 -21.33 -9.26
N SER A 285 49.62 -20.03 -9.01
CA SER A 285 48.65 -19.08 -9.54
C SER A 285 49.09 -17.62 -9.37
N VAL A 286 48.49 -16.73 -10.16
CA VAL A 286 48.83 -15.31 -10.11
C VAL A 286 47.62 -14.44 -10.44
N ARG A 287 47.36 -13.44 -9.59
CA ARG A 287 46.27 -12.48 -9.83
C ARG A 287 46.80 -11.20 -10.46
N ALA A 288 45.90 -10.30 -10.81
CA ALA A 288 46.30 -9.00 -11.36
C ALA A 288 45.38 -7.86 -10.90
N GLN A 289 45.97 -6.71 -10.60
CA GLN A 289 45.22 -5.57 -10.07
C GLN A 289 45.69 -4.26 -10.69
N ASP A 290 44.78 -3.31 -10.87
CA ASP A 290 45.17 -2.01 -11.40
C ASP A 290 46.30 -1.48 -10.55
N ARG A 291 47.42 -1.14 -11.19
CA ARG A 291 48.59 -0.67 -10.47
C ARG A 291 48.25 0.48 -9.54
N TYR A 292 47.50 1.45 -10.04
CA TYR A 292 47.29 2.68 -9.31
C TYR A 292 46.30 2.59 -8.15
N TYR A 293 45.11 2.04 -8.38
CA TYR A 293 44.08 1.99 -7.35
C TYR A 293 43.90 0.59 -6.78
N SER A 294 43.45 0.50 -5.52
CA SER A 294 43.22 -0.79 -4.89
C SER A 294 41.90 -1.39 -5.35
N SER A 295 41.75 -1.52 -6.68
CA SER A 295 40.53 -2.07 -7.27
C SER A 295 40.40 -3.54 -6.92
N SER A 296 39.66 -4.29 -7.72
CA SER A 296 39.45 -5.70 -7.45
C SER A 296 40.53 -6.58 -8.09
N TRP A 297 41.01 -7.58 -7.35
CA TRP A 297 41.94 -8.55 -7.91
C TRP A 297 41.24 -9.40 -8.97
N SER A 298 42.00 -9.86 -9.96
CA SER A 298 41.46 -10.74 -10.98
C SER A 298 41.34 -12.16 -10.44
N GLU A 299 40.66 -13.01 -11.18
CA GLU A 299 40.58 -14.42 -10.83
C GLU A 299 41.97 -15.03 -10.95
N TRP A 300 42.13 -16.28 -10.51
CA TRP A 300 43.43 -16.93 -10.50
C TRP A 300 43.74 -17.66 -11.80
N ALA A 301 45.02 -17.85 -12.06
CA ALA A 301 45.48 -18.61 -13.22
C ALA A 301 46.45 -19.71 -12.77
N SER A 302 45.98 -20.95 -12.79
CA SER A 302 46.75 -22.08 -12.24
C SER A 302 47.79 -22.68 -13.19
N VAL A 303 48.58 -23.60 -12.66
CA VAL A 303 49.65 -24.27 -13.41
C VAL A 303 50.24 -25.40 -12.55
N PRO A 304 50.75 -26.45 -13.20
CA PRO A 304 51.34 -27.60 -12.50
C PRO A 304 52.53 -27.23 -11.64
N CYS A 305 52.79 -28.05 -10.62
CA CYS A 305 53.91 -27.80 -9.71
C CYS A 305 55.23 -28.29 -10.32
N MET B 12 65.23 4.64 -15.90
CA MET B 12 66.08 5.31 -16.89
C MET B 12 65.56 6.70 -17.21
N PHE B 13 64.60 7.16 -16.42
CA PHE B 13 63.97 8.48 -16.62
C PHE B 13 63.88 9.24 -15.30
N PRO B 14 64.32 10.50 -15.29
CA PRO B 14 64.37 11.34 -14.09
C PRO B 14 62.99 11.58 -13.47
N CYS B 15 62.03 11.99 -14.28
CA CYS B 15 60.72 12.41 -13.76
C CYS B 15 59.95 11.29 -13.10
N LEU B 16 59.87 10.14 -13.75
CA LEU B 16 59.28 8.96 -13.13
C LEU B 16 59.70 8.85 -11.68
N HIS B 17 60.99 9.04 -11.44
CA HIS B 17 61.53 8.94 -10.09
C HIS B 17 60.77 9.83 -9.12
N HIS B 18 60.53 11.08 -9.52
CA HIS B 18 59.83 12.05 -8.67
C HIS B 18 58.33 11.84 -8.68
N SER B 19 57.80 11.54 -9.86
CA SER B 19 56.41 11.20 -10.03
C SER B 19 56.03 10.06 -9.08
N GLN B 20 56.86 9.02 -9.05
CA GLN B 20 56.62 7.87 -8.18
C GLN B 20 56.75 8.25 -6.71
N ASN B 21 57.74 9.08 -6.40
CA ASN B 21 57.95 9.55 -5.05
C ASN B 21 56.76 10.36 -4.57
N LEU B 22 56.13 11.07 -5.49
CA LEU B 22 54.98 11.91 -5.16
C LEU B 22 53.76 11.03 -4.91
N LEU B 23 53.40 10.22 -5.89
CA LEU B 23 52.29 9.30 -5.74
C LEU B 23 52.40 8.58 -4.40
N ARG B 24 53.60 8.13 -4.05
CA ARG B 24 53.82 7.38 -2.83
C ARG B 24 53.57 8.23 -1.60
N ALA B 25 54.07 9.46 -1.66
CA ALA B 25 54.04 10.38 -0.52
C ALA B 25 52.62 10.79 -0.18
N VAL B 26 51.84 11.07 -1.22
CA VAL B 26 50.43 11.41 -1.07
C VAL B 26 49.63 10.19 -0.64
N SER B 27 49.94 9.03 -1.20
CA SER B 27 49.27 7.80 -0.78
C SER B 27 49.48 7.56 0.71
N ASN B 28 50.67 7.87 1.21
CA ASN B 28 50.98 7.66 2.61
C ASN B 28 50.44 8.77 3.51
N MET B 29 50.29 9.96 2.96
CA MET B 29 49.74 11.08 3.73
C MET B 29 48.22 10.98 3.76
N LEU B 30 47.63 10.66 2.63
CA LEU B 30 46.20 10.37 2.59
C LEU B 30 45.84 9.33 3.65
N GLN B 31 46.60 8.24 3.72
CA GLN B 31 46.34 7.20 4.69
C GLN B 31 46.45 7.68 6.14
N LYS B 32 47.36 8.62 6.40
CA LYS B 32 47.50 9.18 7.74
C LYS B 32 46.24 9.93 8.12
N ALA B 33 45.81 10.84 7.25
CA ALA B 33 44.63 11.65 7.51
C ALA B 33 43.44 10.78 7.86
N ARG B 34 42.99 9.96 6.91
CA ARG B 34 41.81 9.14 7.14
C ARG B 34 42.07 7.98 8.12
N GLN B 35 43.16 8.09 8.88
CA GLN B 35 43.44 7.13 9.95
C GLN B 35 43.58 7.84 11.29
N THR B 36 43.61 9.18 11.25
CA THR B 36 43.66 9.96 12.49
C THR B 36 42.52 10.99 12.52
N LEU B 37 41.80 11.11 11.42
CA LEU B 37 40.63 11.97 11.37
C LEU B 37 39.36 11.15 11.29
N GLU B 38 38.77 10.88 12.44
CA GLU B 38 37.59 10.02 12.53
C GLU B 38 36.29 10.82 12.44
N PHE B 39 36.05 11.68 13.43
CA PHE B 39 34.83 12.49 13.48
C PHE B 39 34.84 13.55 12.38
N TYR B 40 35.12 13.11 11.14
CA TYR B 40 35.20 13.99 9.99
C TYR B 40 34.81 13.23 8.73
N PRO B 41 34.10 13.89 7.80
CA PRO B 41 33.70 13.29 6.52
C PRO B 41 34.89 12.97 5.61
N CYS B 42 35.66 11.94 5.96
CA CYS B 42 36.77 11.49 5.13
C CYS B 42 36.59 10.04 4.70
N THR B 43 35.56 9.80 3.91
CA THR B 43 35.22 8.44 3.50
C THR B 43 34.67 8.39 2.08
N SER B 44 35.49 7.88 1.16
CA SER B 44 35.12 7.79 -0.25
C SER B 44 34.58 9.13 -0.78
N ASP B 48 31.49 12.93 -1.85
CA ASP B 48 32.41 14.04 -1.64
C ASP B 48 33.68 13.90 -2.49
N HIS B 49 33.76 14.69 -3.56
CA HIS B 49 34.89 14.63 -4.49
C HIS B 49 35.00 15.90 -5.36
N GLU B 50 36.03 16.70 -5.11
CA GLU B 50 36.18 17.99 -5.80
C GLU B 50 37.61 18.27 -6.31
N ASP B 51 37.70 18.90 -7.47
CA ASP B 51 39.00 19.21 -8.10
C ASP B 51 39.17 20.73 -8.23
N ILE B 52 40.24 21.25 -7.61
CA ILE B 52 40.45 22.69 -7.54
C ILE B 52 40.94 23.29 -8.85
N THR B 53 41.40 22.45 -9.75
CA THR B 53 41.91 22.90 -11.04
C THR B 53 40.89 22.62 -12.14
N LYS B 54 39.62 22.92 -11.83
CA LYS B 54 38.50 22.63 -12.72
C LYS B 54 38.73 23.10 -14.15
N ASP B 55 38.07 24.18 -14.55
CA ASP B 55 38.25 24.72 -15.89
C ASP B 55 39.44 25.68 -15.89
N LYS B 56 40.21 25.61 -14.81
CA LYS B 56 41.41 26.42 -14.65
C LYS B 56 42.56 25.86 -15.47
N THR B 57 42.72 24.55 -15.46
CA THR B 57 43.83 23.90 -16.13
C THR B 57 43.39 22.80 -17.09
N SER B 58 43.91 22.84 -18.31
CA SER B 58 43.55 21.88 -19.33
C SER B 58 44.40 20.62 -19.23
N THR B 59 44.66 20.20 -18.00
CA THR B 59 45.44 19.01 -17.74
C THR B 59 44.61 17.74 -17.94
N VAL B 60 43.29 17.87 -17.81
CA VAL B 60 42.40 16.72 -17.95
C VAL B 60 42.10 16.44 -19.41
N GLU B 61 41.85 17.50 -20.17
CA GLU B 61 41.58 17.38 -21.59
C GLU B 61 42.68 16.61 -22.33
N ALA B 62 43.91 17.10 -22.24
CA ALA B 62 44.98 16.59 -23.09
C ALA B 62 46.18 16.03 -22.34
N CYS B 63 45.99 14.93 -21.64
CA CYS B 63 47.10 14.22 -21.01
C CYS B 63 47.08 12.72 -21.28
N LEU B 64 46.29 12.31 -22.27
CA LEU B 64 46.24 10.91 -22.66
C LEU B 64 47.29 10.66 -23.73
N PRO B 65 47.79 9.42 -23.83
CA PRO B 65 48.82 9.08 -24.82
C PRO B 65 48.49 9.62 -26.20
N LEU B 66 49.49 9.76 -27.05
CA LEU B 66 49.24 10.21 -28.41
C LEU B 66 48.51 9.11 -29.16
N GLU B 67 48.57 7.90 -28.61
CA GLU B 67 47.92 6.75 -29.22
C GLU B 67 46.39 6.87 -29.16
N LEU B 68 45.88 7.40 -28.05
CA LEU B 68 44.44 7.54 -27.87
C LEU B 68 43.94 8.86 -28.44
N THR B 69 44.72 9.91 -28.25
CA THR B 69 44.45 11.18 -28.91
C THR B 69 44.82 11.03 -30.39
N LYS B 70 44.01 10.26 -31.11
CA LYS B 70 44.24 9.99 -32.53
C LYS B 70 44.52 11.29 -33.31
N ASN B 71 43.88 12.37 -32.89
CA ASN B 71 44.07 13.69 -33.47
C ASN B 71 43.52 14.78 -32.56
N GLU B 72 43.91 16.02 -32.81
CA GLU B 72 43.47 17.15 -31.98
C GLU B 72 42.00 17.51 -32.25
N SER B 73 41.14 16.50 -32.24
CA SER B 73 39.71 16.71 -32.48
C SER B 73 39.07 17.56 -31.40
N CYS B 74 39.53 17.39 -30.17
CA CYS B 74 38.96 18.12 -29.03
C CYS B 74 39.55 19.51 -28.89
N GLU B 79 49.04 26.19 -27.37
CA GLU B 79 48.70 27.37 -26.59
C GLU B 79 49.87 27.86 -25.74
N THR B 80 50.22 27.08 -24.73
CA THR B 80 51.34 27.41 -23.85
C THR B 80 52.43 26.34 -23.97
N SER B 81 52.88 26.10 -25.19
CA SER B 81 53.84 25.03 -25.46
C SER B 81 55.28 25.54 -25.64
N PHE B 82 56.09 25.36 -24.61
CA PHE B 82 57.49 25.75 -24.65
C PHE B 82 58.23 25.20 -23.42
N ILE B 83 58.79 24.01 -23.56
CA ILE B 83 59.52 23.36 -22.47
C ILE B 83 60.83 24.10 -22.18
N THR B 84 61.58 23.60 -21.21
CA THR B 84 62.82 24.25 -20.78
C THR B 84 63.99 23.29 -20.84
N ASN B 85 65.06 23.72 -21.50
CA ASN B 85 66.27 22.92 -21.57
C ASN B 85 66.76 22.56 -20.17
N GLY B 86 66.88 21.27 -19.90
CA GLY B 86 67.22 20.80 -18.57
C GLY B 86 65.95 20.51 -17.78
N SER B 87 65.36 19.35 -18.04
CA SER B 87 64.12 18.96 -17.39
C SER B 87 64.06 17.44 -17.22
N CYS B 88 63.59 16.78 -18.26
CA CYS B 88 63.59 15.32 -18.35
C CYS B 88 63.54 14.98 -19.84
N LEU B 89 64.48 14.15 -20.31
CA LEU B 89 64.50 13.85 -21.74
C LEU B 89 64.67 12.39 -22.19
N ALA B 90 63.65 11.59 -21.96
CA ALA B 90 63.39 10.41 -22.79
C ALA B 90 62.31 10.92 -23.74
N SER B 91 62.58 12.09 -24.29
CA SER B 91 61.54 12.94 -24.88
C SER B 91 61.37 12.84 -26.39
N ARG B 92 61.75 11.71 -26.97
CA ARG B 92 61.45 11.47 -28.36
C ARG B 92 59.93 11.43 -28.54
N LYS B 93 59.22 11.88 -27.51
CA LYS B 93 57.75 11.86 -27.51
C LYS B 93 57.11 12.87 -26.56
N THR B 94 57.90 13.49 -25.69
CA THR B 94 57.34 14.43 -24.71
C THR B 94 57.27 15.86 -25.25
N SER B 95 58.25 16.23 -26.07
CA SER B 95 58.21 17.52 -26.74
C SER B 95 56.98 17.58 -27.64
N PHE B 96 56.40 16.40 -27.88
CA PHE B 96 55.30 16.25 -28.81
C PHE B 96 54.05 17.01 -28.36
N MET B 97 52.89 16.52 -28.78
CA MET B 97 51.61 17.15 -28.45
C MET B 97 51.44 17.36 -26.94
N MET B 98 52.22 16.63 -26.15
CA MET B 98 52.08 16.66 -24.71
C MET B 98 52.53 17.98 -24.09
N ALA B 99 53.02 18.88 -24.93
CA ALA B 99 53.46 20.20 -24.46
C ALA B 99 52.34 20.90 -23.69
N LEU B 100 51.10 20.68 -24.12
CA LEU B 100 49.95 21.30 -23.47
C LEU B 100 49.63 20.60 -22.16
N CYS B 101 50.18 19.39 -22.02
CA CYS B 101 49.96 18.55 -20.85
C CYS B 101 50.94 18.89 -19.73
N LEU B 102 52.23 18.93 -20.06
CA LEU B 102 53.27 19.27 -19.09
C LEU B 102 53.09 20.69 -18.56
N SER B 103 52.83 21.63 -19.47
CA SER B 103 52.56 23.01 -19.07
C SER B 103 51.50 23.06 -18.01
N SER B 104 50.38 22.41 -18.31
CA SER B 104 49.22 22.35 -17.41
C SER B 104 49.53 21.64 -16.11
N ILE B 105 50.04 20.41 -16.20
CA ILE B 105 50.46 19.65 -15.04
C ILE B 105 51.29 20.50 -14.07
N TYR B 106 52.32 21.16 -14.58
CA TYR B 106 53.13 22.04 -13.74
C TYR B 106 52.22 23.08 -13.09
N GLU B 107 51.33 23.65 -13.90
CA GLU B 107 50.37 24.63 -13.40
C GLU B 107 49.49 24.03 -12.31
N ASP B 108 49.27 22.72 -12.37
CA ASP B 108 48.54 22.03 -11.33
C ASP B 108 49.34 22.03 -10.04
N LEU B 109 50.60 21.60 -10.15
CA LEU B 109 51.46 21.52 -8.97
C LEU B 109 51.59 22.87 -8.29
N LYS B 110 51.44 23.95 -9.06
CA LYS B 110 51.59 25.28 -8.50
C LYS B 110 50.38 25.66 -7.62
N MET B 111 49.22 25.14 -8.01
CA MET B 111 48.00 25.39 -7.25
C MET B 111 47.95 24.54 -5.99
N TYR B 112 48.10 23.24 -6.14
CA TYR B 112 48.06 22.34 -5.00
C TYR B 112 49.16 22.74 -4.04
N GLN B 113 50.17 23.43 -4.57
CA GLN B 113 51.30 23.83 -3.77
C GLN B 113 50.93 24.92 -2.77
N VAL B 114 50.26 25.97 -3.23
CA VAL B 114 49.84 27.06 -2.34
C VAL B 114 48.81 26.55 -1.33
N GLU B 115 47.99 25.61 -1.77
CA GLU B 115 46.96 25.07 -0.91
C GLU B 115 47.57 24.32 0.26
N PHE B 116 48.36 23.30 -0.02
CA PHE B 116 48.99 22.55 1.05
C PHE B 116 49.85 23.47 1.91
N LYS B 117 50.49 24.44 1.27
CA LYS B 117 51.37 25.38 1.97
C LYS B 117 50.55 26.14 2.99
N THR B 118 49.43 26.67 2.52
CA THR B 118 48.51 27.43 3.36
C THR B 118 47.96 26.59 4.50
N MET B 119 47.41 25.43 4.16
CA MET B 119 46.86 24.51 5.14
C MET B 119 47.88 24.11 6.21
N ASN B 120 49.10 23.81 5.79
CA ASN B 120 50.16 23.50 6.74
C ASN B 120 50.46 24.67 7.67
N ALA B 121 50.35 25.89 7.14
CA ALA B 121 50.50 27.06 7.97
C ALA B 121 49.51 26.96 9.12
N LYS B 122 48.26 26.66 8.79
CA LYS B 122 47.19 26.56 9.78
C LYS B 122 47.40 25.39 10.72
N LEU B 123 47.54 24.19 10.17
CA LEU B 123 47.73 22.98 10.99
C LEU B 123 48.80 23.16 12.06
N LEU B 124 49.77 24.01 11.79
CA LEU B 124 50.87 24.27 12.72
C LEU B 124 50.40 25.13 13.89
N MET B 125 49.48 26.05 13.62
CA MET B 125 48.97 26.96 14.65
C MET B 125 47.91 26.30 15.54
N ASP B 126 47.10 25.41 14.96
CA ASP B 126 46.05 24.70 15.69
C ASP B 126 46.57 24.13 17.00
N PRO B 127 46.03 24.62 18.13
CA PRO B 127 46.44 24.16 19.47
C PRO B 127 46.01 22.72 19.74
N LYS B 128 44.91 22.29 19.12
CA LYS B 128 44.49 20.90 19.17
C LYS B 128 45.34 20.13 18.16
N ARG B 129 46.57 19.80 18.56
CA ARG B 129 47.54 19.19 17.65
C ARG B 129 47.07 17.84 17.11
N GLN B 130 46.22 17.86 16.10
CA GLN B 130 45.55 16.65 15.65
C GLN B 130 46.35 15.92 14.58
N ILE B 131 46.47 16.53 13.40
CA ILE B 131 47.25 15.97 12.32
C ILE B 131 48.22 17.02 11.80
N PHE B 132 49.36 16.57 11.31
CA PHE B 132 50.32 17.48 10.70
C PHE B 132 50.61 17.06 9.28
N LEU B 133 50.84 18.05 8.42
CA LEU B 133 51.18 17.78 7.02
C LEU B 133 52.62 17.31 6.92
N ASP B 134 52.80 16.07 6.48
CA ASP B 134 54.12 15.48 6.35
C ASP B 134 54.98 16.35 5.45
N GLN B 135 56.06 16.88 6.01
CA GLN B 135 56.95 17.77 5.26
C GLN B 135 57.42 17.08 4.00
N ASN B 136 57.68 15.79 4.10
CA ASN B 136 58.20 15.03 2.97
C ASN B 136 57.37 15.19 1.71
N MET B 137 56.05 15.28 1.89
CA MET B 137 55.12 15.42 0.77
C MET B 137 55.07 16.84 0.23
N LEU B 138 55.34 17.81 1.09
CA LEU B 138 55.49 19.20 0.64
C LEU B 138 56.75 19.33 -0.21
N ALA B 139 57.79 18.60 0.16
CA ALA B 139 59.07 18.65 -0.53
C ALA B 139 59.03 18.00 -1.90
N VAL B 140 58.39 16.84 -2.02
CA VAL B 140 58.38 16.11 -3.29
C VAL B 140 57.54 16.82 -4.34
N ILE B 141 56.72 17.78 -3.91
CA ILE B 141 55.96 18.59 -4.84
C ILE B 141 56.86 19.68 -5.42
N ASP B 142 57.87 20.07 -4.64
CA ASP B 142 58.86 21.04 -5.10
C ASP B 142 59.93 20.32 -5.92
N GLU B 143 60.44 19.22 -5.38
CA GLU B 143 61.41 18.39 -6.08
C GLU B 143 60.92 17.99 -7.47
N LEU B 144 59.62 18.16 -7.71
CA LEU B 144 59.04 17.78 -8.99
C LEU B 144 58.96 18.96 -9.94
N MET B 145 58.70 20.14 -9.40
CA MET B 145 58.57 21.34 -10.22
C MET B 145 59.93 21.91 -10.61
N GLN B 146 60.96 21.63 -9.82
CA GLN B 146 62.30 22.04 -10.19
C GLN B 146 62.99 21.00 -11.07
N ALA B 147 62.26 19.91 -11.34
CA ALA B 147 62.70 18.91 -12.30
C ALA B 147 62.04 19.19 -13.64
N LEU B 148 60.81 19.72 -13.58
CA LEU B 148 60.09 20.10 -14.78
C LEU B 148 60.55 21.49 -15.20
N ASN B 149 61.22 22.17 -14.29
CA ASN B 149 61.59 23.57 -14.48
C ASN B 149 60.40 24.47 -14.79
N PHE B 150 60.27 24.89 -16.03
CA PHE B 150 59.15 25.72 -16.44
C PHE B 150 59.12 27.08 -15.76
N ASN B 151 59.10 28.13 -16.56
CA ASN B 151 58.87 29.47 -16.04
C ASN B 151 57.42 29.84 -16.24
N SER B 152 56.77 30.32 -15.18
CA SER B 152 55.36 30.69 -15.28
C SER B 152 54.99 31.84 -14.35
N GLU B 153 54.15 32.75 -14.84
CA GLU B 153 53.60 33.80 -14.02
C GLU B 153 52.10 33.58 -13.86
N THR B 154 51.62 33.59 -12.61
CA THR B 154 50.22 33.35 -12.33
C THR B 154 49.81 33.86 -10.96
N VAL B 155 48.50 34.08 -10.78
CA VAL B 155 47.96 34.55 -9.51
C VAL B 155 47.88 33.40 -8.49
N PRO B 156 47.47 33.70 -7.25
CA PRO B 156 47.31 32.65 -6.24
C PRO B 156 46.67 31.38 -6.79
N SER B 160 40.63 35.57 -5.79
CA SER B 160 39.56 35.71 -4.81
C SER B 160 39.25 34.37 -4.15
N LEU B 161 38.93 34.42 -2.85
CA LEU B 161 38.58 33.23 -2.09
C LEU B 161 38.18 33.59 -0.65
N GLU B 162 38.14 32.60 0.22
CA GLU B 162 37.76 32.81 1.62
C GLU B 162 38.65 32.01 2.57
N GLU B 163 38.71 32.44 3.82
CA GLU B 163 39.55 31.78 4.83
C GLU B 163 38.73 30.99 5.85
N PRO B 164 39.27 29.84 6.28
CA PRO B 164 38.58 28.93 7.21
C PRO B 164 39.10 29.03 8.64
N ASP B 165 38.58 28.18 9.51
CA ASP B 165 39.14 28.00 10.85
C ASP B 165 39.90 26.69 10.89
N PHE B 166 40.31 26.26 12.08
CA PHE B 166 41.08 25.03 12.22
C PHE B 166 40.27 23.78 11.84
N TYR B 167 39.07 23.64 12.40
CA TYR B 167 38.23 22.50 12.06
C TYR B 167 37.88 22.51 10.57
N LYS B 168 37.46 23.67 10.06
CA LYS B 168 37.11 23.81 8.65
C LYS B 168 38.26 23.33 7.77
N THR B 169 39.48 23.80 8.08
CA THR B 169 40.67 23.43 7.33
C THR B 169 40.96 21.93 7.35
N LYS B 170 40.75 21.30 8.52
CA LYS B 170 40.95 19.86 8.63
C LYS B 170 39.98 19.11 7.71
N ILE B 171 38.89 19.76 7.34
CA ILE B 171 37.92 19.15 6.42
C ILE B 171 38.45 19.26 5.00
N LYS B 172 38.83 20.48 4.62
CA LYS B 172 39.32 20.77 3.28
C LYS B 172 40.59 19.98 2.98
N LEU B 173 41.17 19.39 4.01
CA LEU B 173 42.37 18.59 3.83
C LEU B 173 42.01 17.27 3.16
N CYS B 174 41.18 16.47 3.81
CA CYS B 174 40.79 15.19 3.24
C CYS B 174 40.33 15.32 1.79
N ILE B 175 39.66 16.42 1.49
CA ILE B 175 39.16 16.66 0.14
C ILE B 175 40.32 16.79 -0.85
N LEU B 176 41.34 17.54 -0.46
CA LEU B 176 42.53 17.77 -1.31
C LEU B 176 43.42 16.54 -1.45
N LEU B 177 43.76 15.91 -0.33
CA LEU B 177 44.57 14.69 -0.35
C LEU B 177 43.95 13.64 -1.29
N HIS B 178 42.62 13.55 -1.28
CA HIS B 178 41.93 12.63 -2.19
C HIS B 178 42.04 13.08 -3.64
N ALA B 179 41.67 14.32 -3.90
CA ALA B 179 41.74 14.86 -5.26
C ALA B 179 43.17 14.83 -5.77
N PHE B 180 44.11 15.04 -4.87
CA PHE B 180 45.52 15.11 -5.24
C PHE B 180 46.11 13.75 -5.59
N ARG B 181 45.73 12.70 -4.87
CA ARG B 181 46.21 11.36 -5.22
C ARG B 181 45.74 11.01 -6.62
N ILE B 182 44.48 11.30 -6.89
CA ILE B 182 43.91 11.03 -8.21
C ILE B 182 44.71 11.82 -9.25
N ARG B 183 45.05 13.05 -8.94
CA ARG B 183 45.89 13.85 -9.82
C ARG B 183 47.30 13.25 -9.94
N ALA B 184 47.91 12.92 -8.80
CA ALA B 184 49.25 12.35 -8.78
C ALA B 184 49.31 11.09 -9.63
N VAL B 185 48.24 10.30 -9.58
CA VAL B 185 48.16 9.11 -10.40
C VAL B 185 48.27 9.45 -11.87
N THR B 186 47.45 10.38 -12.33
CA THR B 186 47.48 10.79 -13.73
C THR B 186 48.86 11.29 -14.10
N ILE B 187 49.53 11.92 -13.14
CA ILE B 187 50.90 12.36 -13.33
C ILE B 187 51.81 11.16 -13.59
N ASP B 188 51.79 10.18 -12.68
CA ASP B 188 52.58 8.98 -12.85
C ASP B 188 52.29 8.31 -14.20
N ARG B 189 51.02 8.26 -14.59
CA ARG B 189 50.63 7.70 -15.88
C ARG B 189 51.40 8.32 -17.04
N VAL B 190 51.54 9.64 -17.02
CA VAL B 190 52.27 10.33 -18.07
C VAL B 190 53.75 10.00 -17.99
N MET B 191 54.32 10.14 -16.80
CA MET B 191 55.74 9.88 -16.59
C MET B 191 56.12 8.44 -16.91
N SER B 192 55.20 7.51 -16.64
CA SER B 192 55.42 6.10 -16.97
C SER B 192 55.37 5.92 -18.47
N TYR B 193 54.53 6.72 -19.11
CA TYR B 193 54.34 6.65 -20.54
C TYR B 193 55.58 7.16 -21.28
N LEU B 194 56.05 8.35 -20.88
CA LEU B 194 57.22 8.95 -21.52
C LEU B 194 58.44 8.06 -21.36
N ASN B 195 58.72 7.63 -20.13
CA ASN B 195 59.86 6.77 -19.86
C ASN B 195 60.00 5.59 -20.82
N ALA B 196 58.88 5.11 -21.35
CA ALA B 196 58.87 3.94 -22.23
C ALA B 196 58.87 4.33 -23.71
N SER B 197 58.58 5.59 -24.00
CA SER B 197 58.56 6.05 -25.40
C SER B 197 58.82 7.55 -25.54
N ASP C 1 -11.51 8.75 13.34
CA ASP C 1 -12.23 8.44 12.11
C ASP C 1 -13.06 9.66 11.69
N ILE C 2 -13.49 9.68 10.42
CA ILE C 2 -14.27 10.81 9.93
C ILE C 2 -15.74 10.64 10.27
N GLN C 3 -16.30 11.59 11.02
CA GLN C 3 -17.67 11.46 11.50
C GLN C 3 -18.69 11.83 10.42
N MET C 4 -19.49 10.84 10.01
CA MET C 4 -20.55 11.09 9.06
C MET C 4 -21.85 11.35 9.81
N THR C 5 -22.52 12.44 9.46
CA THR C 5 -23.72 12.84 10.18
C THR C 5 -24.87 13.14 9.23
N GLN C 6 -25.82 12.21 9.16
CA GLN C 6 -27.00 12.42 8.32
C GLN C 6 -28.13 13.14 9.06
N SER C 7 -28.92 13.87 8.31
CA SER C 7 -30.11 14.53 8.84
C SER C 7 -31.09 14.76 7.70
N PRO C 8 -32.39 14.63 8.00
CA PRO C 8 -32.95 14.36 9.32
C PRO C 8 -32.81 12.90 9.67
N SER C 9 -32.76 12.57 10.96
CA SER C 9 -32.66 11.17 11.35
C SER C 9 -33.80 10.38 10.74
N SER C 10 -34.81 11.10 10.25
CA SER C 10 -35.99 10.49 9.67
C SER C 10 -36.93 11.55 9.11
N LEU C 11 -37.73 11.16 8.13
CA LEU C 11 -38.81 12.03 7.65
C LEU C 11 -39.95 11.22 7.03
N SER C 12 -40.99 11.93 6.61
CA SER C 12 -42.14 11.29 6.00
C SER C 12 -42.56 12.05 4.76
N ALA C 13 -42.75 11.34 3.66
CA ALA C 13 -43.16 11.96 2.41
C ALA C 13 -44.12 11.08 1.61
N SER C 14 -44.77 11.69 0.61
CA SER C 14 -45.75 11.01 -0.21
C SER C 14 -45.17 10.61 -1.55
N VAL C 15 -45.85 9.71 -2.25
CA VAL C 15 -45.42 9.29 -3.58
C VAL C 15 -45.48 10.46 -4.58
N GLY C 16 -44.35 10.75 -5.23
CA GLY C 16 -44.29 11.77 -6.25
C GLY C 16 -43.67 13.07 -5.80
N ASP C 17 -43.20 13.10 -4.55
CA ASP C 17 -42.61 14.31 -3.99
C ASP C 17 -41.13 14.42 -4.31
N ARG C 18 -40.63 15.65 -4.25
CA ARG C 18 -39.19 15.86 -4.31
C ARG C 18 -38.63 15.89 -2.89
N VAL C 19 -37.80 14.91 -2.58
CA VAL C 19 -37.22 14.79 -1.24
C VAL C 19 -35.70 14.88 -1.29
N THR C 20 -35.10 15.37 -0.20
CA THR C 20 -33.66 15.54 -0.16
C THR C 20 -33.07 15.24 1.21
N ILE C 21 -32.29 14.18 1.30
CA ILE C 21 -31.51 13.89 2.49
C ILE C 21 -30.17 14.61 2.38
N THR C 22 -29.61 14.99 3.52
CA THR C 22 -28.28 15.58 3.52
C THR C 22 -27.29 14.71 4.29
N CYS C 23 -26.01 15.00 4.09
CA CYS C 23 -24.93 14.28 4.73
C CYS C 23 -23.77 15.25 4.88
N ARG C 24 -23.04 15.13 5.98
CA ARG C 24 -21.89 16.01 6.19
C ARG C 24 -20.78 15.34 6.96
N ALA C 25 -19.55 15.69 6.58
CA ALA C 25 -18.36 15.01 7.08
C ALA C 25 -17.65 15.85 8.13
N SER C 26 -17.06 15.19 9.11
CA SER C 26 -16.29 15.88 10.13
C SER C 26 -15.04 16.54 9.53
N GLN C 27 -14.62 16.07 8.36
CA GLN C 27 -13.48 16.66 7.65
C GLN C 27 -13.81 16.91 6.19
N GLY C 28 -12.77 17.00 5.37
CA GLY C 28 -12.92 17.10 3.93
C GLY C 28 -12.79 15.71 3.35
N ILE C 29 -13.66 15.37 2.42
CA ILE C 29 -13.64 14.05 1.81
C ILE C 29 -13.72 14.16 0.30
N SER C 30 -13.45 15.36 -0.21
CA SER C 30 -13.44 15.61 -1.64
C SER C 30 -14.81 15.34 -2.22
N SER C 31 -14.89 14.43 -3.19
CA SER C 31 -16.19 14.00 -3.70
C SER C 31 -16.37 12.52 -3.46
N TRP C 32 -15.57 11.98 -2.54
CA TRP C 32 -15.58 10.56 -2.24
C TRP C 32 -16.67 10.17 -1.25
N LEU C 33 -17.90 10.26 -1.72
CA LEU C 33 -19.06 9.84 -0.93
C LEU C 33 -19.96 8.96 -1.76
N ALA C 34 -20.41 7.86 -1.16
CA ALA C 34 -21.38 6.99 -1.79
C ALA C 34 -22.67 6.96 -0.98
N TRP C 35 -23.78 6.67 -1.65
CA TRP C 35 -25.07 6.55 -0.97
C TRP C 35 -25.61 5.13 -1.14
N TYR C 36 -26.07 4.55 -0.04
CA TYR C 36 -26.72 3.25 -0.10
C TYR C 36 -28.15 3.33 0.40
N GLN C 37 -28.97 2.41 -0.09
CA GLN C 37 -30.34 2.25 0.34
C GLN C 37 -30.51 0.88 0.97
N GLN C 38 -31.16 0.80 2.13
CA GLN C 38 -31.45 -0.50 2.75
C GLN C 38 -32.92 -0.65 3.15
N LYS C 39 -33.47 -1.85 2.96
CA LYS C 39 -34.83 -2.15 3.42
C LYS C 39 -34.82 -3.19 4.56
N PRO C 40 -35.92 -3.26 5.35
CA PRO C 40 -35.94 -4.06 6.57
C PRO C 40 -34.98 -5.25 6.66
N GLU C 41 -35.30 -6.38 6.04
CA GLU C 41 -34.46 -7.55 6.27
C GLU C 41 -33.47 -7.77 5.15
N LYS C 42 -33.57 -6.91 4.14
CA LYS C 42 -32.74 -6.99 2.95
C LYS C 42 -31.37 -6.36 3.17
N ALA C 43 -30.47 -6.68 2.25
CA ALA C 43 -29.14 -6.06 2.22
C ALA C 43 -29.23 -4.70 1.56
N PRO C 44 -28.17 -3.89 1.71
CA PRO C 44 -28.09 -2.56 1.08
C PRO C 44 -27.89 -2.67 -0.44
N LYS C 45 -28.49 -1.74 -1.18
CA LYS C 45 -28.28 -1.61 -2.61
C LYS C 45 -27.41 -0.38 -2.80
N SER C 46 -26.43 -0.45 -3.70
CA SER C 46 -25.56 0.69 -3.98
C SER C 46 -26.11 1.62 -5.06
N LEU C 47 -26.38 2.87 -4.68
CA LEU C 47 -27.03 3.81 -5.58
C LEU C 47 -26.08 4.82 -6.23
N ILE C 48 -25.43 5.63 -5.39
CA ILE C 48 -24.64 6.74 -5.91
C ILE C 48 -23.21 6.74 -5.38
N TYR C 49 -22.27 7.10 -6.26
CA TYR C 49 -20.86 7.28 -5.88
C TYR C 49 -20.32 8.59 -6.43
N ALA C 50 -19.09 8.90 -6.05
CA ALA C 50 -18.43 10.14 -6.47
C ALA C 50 -19.34 11.35 -6.25
N ALA C 51 -20.26 11.24 -5.30
CA ALA C 51 -21.13 12.33 -4.88
C ALA C 51 -22.34 12.58 -5.79
N SER C 52 -22.12 12.52 -7.10
CA SER C 52 -23.15 12.89 -8.05
C SER C 52 -23.35 11.89 -9.18
N SER C 53 -22.67 10.74 -9.13
CA SER C 53 -22.80 9.78 -10.22
C SER C 53 -23.60 8.52 -9.86
N LEU C 54 -24.54 8.18 -10.74
CA LEU C 54 -25.40 7.02 -10.59
C LEU C 54 -24.69 5.72 -10.96
N GLN C 55 -24.73 4.73 -10.09
CA GLN C 55 -24.17 3.43 -10.41
C GLN C 55 -24.96 2.81 -11.56
N SER C 56 -24.23 2.22 -12.50
CA SER C 56 -24.86 1.56 -13.63
C SER C 56 -26.06 0.76 -13.15
N GLY C 57 -27.26 1.16 -13.55
CA GLY C 57 -28.45 0.41 -13.21
C GLY C 57 -29.53 1.17 -12.46
N VAL C 58 -29.14 2.12 -11.61
CA VAL C 58 -30.14 2.84 -10.80
C VAL C 58 -30.97 3.81 -11.63
N PRO C 59 -32.23 4.02 -11.21
CA PRO C 59 -33.21 4.85 -11.94
C PRO C 59 -32.75 6.28 -12.17
N SER C 60 -33.34 6.92 -13.18
CA SER C 60 -33.00 8.29 -13.54
C SER C 60 -33.37 9.24 -12.42
N ARG C 61 -34.44 8.90 -11.71
CA ARG C 61 -35.06 9.81 -10.74
C ARG C 61 -34.16 10.17 -9.57
N PHE C 62 -33.05 9.43 -9.43
CA PHE C 62 -32.06 9.70 -8.38
C PHE C 62 -30.98 10.67 -8.83
N SER C 63 -30.28 11.23 -7.84
CA SER C 63 -29.24 12.21 -8.11
C SER C 63 -28.62 12.69 -6.80
N GLY C 64 -27.39 13.18 -6.88
CA GLY C 64 -26.70 13.70 -5.71
C GLY C 64 -25.78 14.84 -6.10
N SER C 65 -25.41 15.66 -5.12
CA SER C 65 -24.50 16.76 -5.36
C SER C 65 -23.74 17.14 -4.09
N GLY C 66 -22.74 17.99 -4.25
CA GLY C 66 -21.90 18.42 -3.14
C GLY C 66 -20.48 17.93 -3.27
N SER C 67 -19.55 18.65 -2.66
CA SER C 67 -18.15 18.30 -2.65
C SER C 67 -17.43 18.93 -1.46
N GLY C 68 -16.46 18.21 -0.92
CA GLY C 68 -15.71 18.69 0.22
C GLY C 68 -16.26 18.25 1.55
N THR C 69 -17.45 18.74 1.90
CA THR C 69 -17.95 18.55 3.25
C THR C 69 -19.48 18.44 3.40
N ASP C 70 -20.22 19.00 2.44
CA ASP C 70 -21.69 18.96 2.49
C ASP C 70 -22.28 18.37 1.22
N PHE C 71 -22.88 17.18 1.35
CA PHE C 71 -23.43 16.47 0.21
C PHE C 71 -24.90 16.15 0.41
N THR C 72 -25.62 15.92 -0.68
CA THR C 72 -27.03 15.60 -0.60
C THR C 72 -27.44 14.49 -1.54
N LEU C 73 -28.71 14.14 -1.45
CA LEU C 73 -29.32 13.10 -2.27
C LEU C 73 -30.75 13.53 -2.54
N THR C 74 -31.21 13.41 -3.78
CA THR C 74 -32.54 13.90 -4.13
C THR C 74 -33.29 12.98 -5.08
N ILE C 75 -34.59 12.80 -4.81
CA ILE C 75 -35.46 12.05 -5.71
C ILE C 75 -36.46 12.99 -6.33
N SER C 76 -36.28 13.28 -7.62
CA SER C 76 -37.14 14.26 -8.29
C SER C 76 -38.61 13.92 -8.12
N SER C 77 -38.98 12.68 -8.43
CA SER C 77 -40.37 12.26 -8.39
C SER C 77 -40.47 10.90 -7.70
N LEU C 78 -40.73 10.93 -6.40
CA LEU C 78 -40.67 9.74 -5.55
C LEU C 78 -41.54 8.58 -6.04
N GLN C 79 -41.27 7.37 -5.55
CA GLN C 79 -42.06 6.19 -5.89
C GLN C 79 -41.97 5.11 -4.81
N PRO C 80 -42.93 4.18 -4.80
CA PRO C 80 -43.07 3.12 -3.79
C PRO C 80 -41.77 2.38 -3.44
N GLU C 81 -41.09 1.82 -4.44
CA GLU C 81 -39.88 1.04 -4.18
C GLU C 81 -38.80 1.85 -3.48
N ASP C 82 -39.00 3.17 -3.44
CA ASP C 82 -38.00 4.09 -2.91
C ASP C 82 -38.13 4.30 -1.41
N PHE C 83 -39.04 3.59 -0.78
CA PHE C 83 -39.23 3.75 0.66
C PHE C 83 -38.30 2.83 1.45
N ALA C 84 -37.35 3.44 2.15
CA ALA C 84 -36.34 2.71 2.90
C ALA C 84 -35.51 3.67 3.73
N THR C 85 -34.48 3.17 4.39
CA THR C 85 -33.52 4.04 5.06
C THR C 85 -32.27 4.20 4.17
N TYR C 86 -31.63 5.36 4.23
CA TYR C 86 -30.51 5.64 3.33
C TYR C 86 -29.24 6.01 4.08
N TYR C 87 -28.12 5.41 3.68
CA TYR C 87 -26.84 5.66 4.34
C TYR C 87 -25.83 6.29 3.38
N CYS C 88 -25.06 7.24 3.87
CA CYS C 88 -23.95 7.79 3.11
C CYS C 88 -22.64 7.18 3.61
N GLN C 89 -21.61 7.16 2.77
CA GLN C 89 -20.32 6.64 3.21
C GLN C 89 -19.15 7.44 2.67
N GLN C 90 -18.21 7.74 3.55
CA GLN C 90 -16.99 8.42 3.16
C GLN C 90 -15.94 7.39 2.76
N TYR C 91 -15.45 7.43 1.53
CA TYR C 91 -14.39 6.51 1.12
C TYR C 91 -13.09 7.22 0.69
N ASN C 92 -12.70 8.19 1.52
CA ASN C 92 -11.53 9.01 1.28
C ASN C 92 -10.35 8.59 2.16
N ILE C 93 -10.62 8.45 3.46
CA ILE C 93 -9.58 8.11 4.43
C ILE C 93 -10.00 6.92 5.29
N TYR C 94 -9.13 5.93 5.42
CA TYR C 94 -9.44 4.78 6.27
C TYR C 94 -9.56 5.20 7.74
N PRO C 95 -10.56 4.66 8.44
CA PRO C 95 -11.54 3.72 7.92
C PRO C 95 -12.69 4.47 7.26
N TYR C 96 -13.28 3.87 6.24
CA TYR C 96 -14.45 4.44 5.60
C TYR C 96 -15.64 4.31 6.55
N THR C 97 -16.38 5.37 6.74
CA THR C 97 -17.42 5.37 7.76
C THR C 97 -18.76 5.80 7.19
N PHE C 98 -19.83 5.31 7.80
CA PHE C 98 -21.17 5.56 7.29
C PHE C 98 -21.91 6.59 8.13
N GLY C 99 -23.02 7.07 7.58
CA GLY C 99 -23.99 7.83 8.37
C GLY C 99 -24.89 6.88 9.14
N GLN C 100 -25.60 7.43 10.12
CA GLN C 100 -26.45 6.62 10.98
C GLN C 100 -27.80 6.36 10.33
N GLY C 101 -27.98 6.91 9.14
CA GLY C 101 -29.14 6.62 8.33
C GLY C 101 -30.20 7.70 8.33
N THR C 102 -31.11 7.59 7.37
CA THR C 102 -32.25 8.49 7.29
C THR C 102 -33.44 7.68 6.77
N LYS C 103 -34.42 7.42 7.63
CA LYS C 103 -35.57 6.63 7.23
C LYS C 103 -36.57 7.46 6.46
N LEU C 104 -37.16 6.87 5.43
CA LEU C 104 -38.26 7.49 4.70
C LEU C 104 -39.58 6.75 4.91
N GLU C 105 -40.39 7.29 5.81
CA GLU C 105 -41.70 6.76 6.11
C GLU C 105 -42.73 7.41 5.18
N ILE C 106 -43.79 6.69 4.84
CA ILE C 106 -44.84 7.26 3.99
C ILE C 106 -45.63 8.31 4.75
N LYS C 107 -46.11 9.33 4.03
CA LYS C 107 -46.94 10.35 4.64
C LYS C 107 -48.41 10.01 4.38
N ARG C 108 -49.17 9.89 5.47
CA ARG C 108 -50.57 9.50 5.39
C ARG C 108 -51.37 10.19 6.51
N THR C 109 -52.70 10.24 6.37
CA THR C 109 -53.52 10.99 7.31
C THR C 109 -53.56 10.37 8.71
N VAL C 110 -53.55 11.22 9.74
CA VAL C 110 -53.50 10.78 11.13
C VAL C 110 -54.57 9.74 11.46
N ALA C 111 -54.19 8.75 12.26
CA ALA C 111 -55.12 7.67 12.64
C ALA C 111 -54.81 7.11 14.03
N ALA C 112 -55.86 6.93 14.82
CA ALA C 112 -55.72 6.51 16.21
C ALA C 112 -55.65 4.98 16.32
N PRO C 113 -55.02 4.48 17.40
CA PRO C 113 -54.79 3.05 17.57
C PRO C 113 -56.03 2.37 18.10
N SER C 114 -56.39 1.22 17.55
CA SER C 114 -57.37 0.37 18.21
C SER C 114 -56.65 -0.28 19.38
N VAL C 115 -57.20 -0.17 20.58
CA VAL C 115 -56.52 -0.71 21.74
C VAL C 115 -57.18 -1.99 22.24
N PHE C 116 -56.35 -2.91 22.71
CA PHE C 116 -56.83 -4.17 23.23
C PHE C 116 -55.90 -4.58 24.36
N ILE C 117 -56.46 -5.13 25.41
CA ILE C 117 -55.65 -5.65 26.51
C ILE C 117 -55.94 -7.14 26.64
N PHE C 118 -54.89 -7.94 26.84
CA PHE C 118 -55.06 -9.39 26.92
C PHE C 118 -54.67 -9.95 28.28
N PRO C 119 -55.55 -10.77 28.87
CA PRO C 119 -55.26 -11.53 30.07
C PRO C 119 -54.21 -12.61 29.80
N PRO C 120 -53.47 -13.03 30.82
CA PRO C 120 -52.59 -14.18 30.70
C PRO C 120 -53.41 -15.47 30.55
N SER C 121 -52.82 -16.51 29.97
CA SER C 121 -53.52 -17.77 29.84
C SER C 121 -53.49 -18.51 31.17
N ASP C 122 -54.59 -19.20 31.49
CA ASP C 122 -54.63 -20.03 32.69
C ASP C 122 -53.55 -21.07 32.53
N GLU C 123 -53.16 -21.30 31.29
CA GLU C 123 -52.14 -22.29 30.96
C GLU C 123 -50.73 -21.82 31.32
N GLN C 124 -50.53 -20.51 31.32
CA GLN C 124 -49.21 -19.96 31.62
C GLN C 124 -48.99 -19.72 33.10
N LEU C 125 -50.04 -19.32 33.81
CA LEU C 125 -49.92 -19.08 35.23
C LEU C 125 -49.50 -20.34 35.96
N LYS C 126 -50.18 -21.44 35.68
CA LYS C 126 -49.77 -22.74 36.21
C LYS C 126 -48.49 -23.16 35.49
N SER C 127 -47.52 -22.26 35.49
CA SER C 127 -46.20 -22.50 34.93
C SER C 127 -45.20 -21.60 35.62
N GLY C 128 -45.68 -20.48 36.16
CA GLY C 128 -44.84 -19.62 36.98
C GLY C 128 -44.96 -18.13 36.77
N THR C 129 -45.13 -17.72 35.52
CA THR C 129 -45.16 -16.30 35.21
C THR C 129 -46.46 -15.90 34.55
N ALA C 130 -46.67 -14.60 34.42
CA ALA C 130 -47.86 -14.07 33.78
C ALA C 130 -47.47 -12.97 32.81
N SER C 131 -48.01 -13.03 31.60
CA SER C 131 -47.77 -12.01 30.61
C SER C 131 -49.06 -11.28 30.25
N VAL C 132 -49.19 -10.06 30.73
CA VAL C 132 -50.31 -9.23 30.33
C VAL C 132 -49.85 -8.40 29.16
N VAL C 133 -50.54 -8.53 28.03
CA VAL C 133 -50.12 -7.82 26.83
C VAL C 133 -51.19 -6.86 26.34
N CYS C 134 -50.75 -5.70 25.87
CA CYS C 134 -51.63 -4.64 25.39
C CYS C 134 -51.28 -4.31 23.94
N LEU C 135 -52.29 -4.26 23.09
CA LEU C 135 -52.10 -4.08 21.66
C LEU C 135 -52.68 -2.79 21.11
N LEU C 136 -51.82 -1.85 20.72
CA LEU C 136 -52.27 -0.72 19.94
C LEU C 136 -52.26 -1.13 18.47
N ASN C 137 -53.39 -1.01 17.81
CA ASN C 137 -53.50 -1.54 16.45
C ASN C 137 -53.71 -0.47 15.38
N ASN C 138 -52.95 -0.59 14.30
CA ASN C 138 -53.02 0.31 13.15
C ASN C 138 -53.18 1.78 13.49
N PHE C 139 -52.09 2.54 13.44
CA PHE C 139 -52.11 3.96 13.78
C PHE C 139 -51.04 4.76 13.03
N TYR C 140 -50.93 6.04 13.35
CA TYR C 140 -49.99 6.94 12.68
C TYR C 140 -50.04 8.35 13.31
N PRO C 141 -48.88 8.90 13.70
CA PRO C 141 -47.51 8.39 13.58
C PRO C 141 -47.18 7.30 14.60
N ARG C 142 -46.01 6.70 14.49
CA ARG C 142 -45.65 5.65 15.44
C ARG C 142 -45.28 6.25 16.79
N GLU C 143 -45.45 7.56 16.92
CA GLU C 143 -45.25 8.23 18.19
C GLU C 143 -46.40 7.91 19.14
N ALA C 144 -46.15 7.03 20.10
CA ALA C 144 -47.16 6.65 21.08
C ALA C 144 -46.55 6.32 22.44
N LYS C 145 -47.26 6.69 23.48
CA LYS C 145 -46.83 6.45 24.84
C LYS C 145 -47.75 5.43 25.48
N VAL C 146 -47.19 4.36 26.03
CA VAL C 146 -48.00 3.35 26.72
C VAL C 146 -47.59 3.19 28.18
N GLN C 147 -48.55 3.31 29.07
CA GLN C 147 -48.29 3.16 30.49
C GLN C 147 -49.20 2.09 31.09
N TRP C 148 -48.61 1.20 31.88
CA TRP C 148 -49.39 0.22 32.63
C TRP C 148 -49.72 0.80 33.99
N LYS C 149 -50.87 0.41 34.53
CA LYS C 149 -51.28 0.82 35.86
C LYS C 149 -52.02 -0.30 36.56
N VAL C 150 -51.35 -0.97 37.50
CA VAL C 150 -52.02 -2.01 38.28
C VAL C 150 -52.56 -1.46 39.60
N ASP C 151 -53.87 -1.51 39.75
CA ASP C 151 -54.54 -0.84 40.86
C ASP C 151 -54.14 0.63 40.88
N ASN C 152 -54.36 1.31 39.76
CA ASN C 152 -54.08 2.73 39.65
C ASN C 152 -52.60 3.07 39.83
N ALA C 153 -51.81 2.07 40.22
CA ALA C 153 -50.38 2.25 40.45
C ALA C 153 -49.58 2.11 39.16
N LEU C 154 -48.66 3.05 38.92
CA LEU C 154 -47.82 3.01 37.74
C LEU C 154 -46.81 1.87 37.84
N GLN C 155 -46.31 1.41 36.70
CA GLN C 155 -45.29 0.36 36.68
C GLN C 155 -44.10 0.84 35.85
N SER C 156 -42.89 0.56 36.33
CA SER C 156 -41.69 0.95 35.60
C SER C 156 -40.67 -0.19 35.47
N GLY C 157 -39.91 -0.15 34.38
CA GLY C 157 -38.93 -1.18 34.10
C GLY C 157 -39.55 -2.55 34.23
N ASN C 158 -40.73 -2.72 33.66
CA ASN C 158 -41.45 -3.97 33.78
C ASN C 158 -42.02 -4.46 32.45
N SER C 159 -42.22 -3.53 31.53
CA SER C 159 -42.79 -3.86 30.23
C SER C 159 -41.73 -4.00 29.15
N GLN C 160 -42.12 -4.57 28.02
CA GLN C 160 -41.27 -4.61 26.84
C GLN C 160 -42.10 -4.26 25.61
N GLU C 161 -41.65 -3.25 24.87
CA GLU C 161 -42.39 -2.76 23.72
C GLU C 161 -41.97 -3.53 22.48
N SER C 162 -42.65 -3.29 21.36
CA SER C 162 -42.32 -3.90 20.10
C SER C 162 -43.24 -3.36 19.01
N VAL C 163 -42.66 -2.74 17.99
CA VAL C 163 -43.48 -2.14 16.94
C VAL C 163 -43.10 -2.60 15.53
N THR C 164 -44.11 -2.69 14.67
CA THR C 164 -43.95 -3.22 13.32
C THR C 164 -43.42 -2.17 12.35
N GLU C 165 -43.11 -2.60 11.13
CA GLU C 165 -42.67 -1.70 10.07
C GLU C 165 -43.85 -1.27 9.22
N GLN C 166 -44.04 0.03 9.06
CA GLN C 166 -45.18 0.58 8.33
C GLN C 166 -45.80 -0.40 7.36
N ASP C 167 -47.05 -0.76 7.61
CA ASP C 167 -47.76 -1.69 6.73
C ASP C 167 -47.60 -1.28 5.27
N SER C 168 -47.40 -2.27 4.41
CA SER C 168 -47.11 -2.02 3.01
C SER C 168 -48.33 -1.53 2.23
N LYS C 169 -49.52 -1.74 2.81
CA LYS C 169 -50.76 -1.48 2.10
C LYS C 169 -51.59 -0.33 2.68
N ASP C 170 -51.72 -0.28 3.99
CA ASP C 170 -52.47 0.82 4.62
C ASP C 170 -51.55 1.87 5.27
N SER C 171 -50.25 1.69 5.08
CA SER C 171 -49.23 2.63 5.54
C SER C 171 -49.36 2.95 7.03
N THR C 172 -49.29 1.92 7.86
CA THR C 172 -49.57 2.08 9.27
C THR C 172 -48.62 1.29 10.18
N TYR C 173 -48.56 1.68 11.45
CA TYR C 173 -47.75 1.00 12.43
C TYR C 173 -48.67 0.23 13.35
N SER C 174 -48.11 -0.56 14.25
CA SER C 174 -48.88 -1.24 15.28
C SER C 174 -47.92 -1.75 16.33
N LEU C 175 -48.20 -1.48 17.60
CA LEU C 175 -47.30 -1.98 18.64
C LEU C 175 -47.95 -2.86 19.70
N SER C 176 -47.10 -3.52 20.48
CA SER C 176 -47.54 -4.40 21.54
C SER C 176 -46.69 -4.16 22.77
N SER C 177 -47.33 -3.80 23.87
CA SER C 177 -46.61 -3.66 25.13
C SER C 177 -46.82 -4.92 25.94
N THR C 178 -45.80 -5.36 26.65
CA THR C 178 -45.90 -6.61 27.39
C THR C 178 -45.35 -6.48 28.80
N LEU C 179 -46.26 -6.36 29.76
CA LEU C 179 -45.93 -6.36 31.17
C LEU C 179 -45.88 -7.80 31.64
N THR C 180 -44.83 -8.16 32.37
CA THR C 180 -44.65 -9.55 32.78
C THR C 180 -44.32 -9.67 34.27
N LEU C 181 -45.08 -10.51 34.96
CA LEU C 181 -44.96 -10.68 36.41
C LEU C 181 -45.01 -12.15 36.80
N SER C 182 -44.49 -12.47 37.97
CA SER C 182 -44.57 -13.83 38.47
C SER C 182 -46.01 -14.13 38.88
N LYS C 183 -46.37 -15.40 38.87
CA LYS C 183 -47.70 -15.81 39.26
C LYS C 183 -48.07 -15.13 40.58
N ALA C 184 -47.13 -15.13 41.51
CA ALA C 184 -47.34 -14.55 42.84
C ALA C 184 -47.79 -13.10 42.77
N ASP C 185 -46.91 -12.20 42.34
CA ASP C 185 -47.25 -10.78 42.26
C ASP C 185 -48.48 -10.51 41.42
N TYR C 186 -48.82 -11.46 40.56
CA TYR C 186 -50.00 -11.32 39.71
C TYR C 186 -51.27 -11.50 40.53
N GLU C 187 -51.29 -12.56 41.33
CA GLU C 187 -52.47 -12.86 42.14
C GLU C 187 -52.76 -11.71 43.09
N LYS C 188 -51.72 -10.97 43.45
CA LYS C 188 -51.80 -9.91 44.43
C LYS C 188 -52.39 -8.60 43.89
N HIS C 189 -53.20 -8.67 42.85
CA HIS C 189 -53.82 -7.46 42.32
C HIS C 189 -55.11 -7.74 41.55
N LYS C 190 -55.92 -6.70 41.33
CA LYS C 190 -57.20 -6.86 40.67
C LYS C 190 -57.29 -6.10 39.35
N VAL C 191 -57.01 -4.79 39.40
CA VAL C 191 -57.18 -3.96 38.21
C VAL C 191 -55.92 -3.87 37.35
N TYR C 192 -55.93 -4.57 36.22
CA TYR C 192 -54.85 -4.45 35.24
C TYR C 192 -55.32 -3.62 34.05
N ALA C 193 -54.53 -2.60 33.71
CA ALA C 193 -54.93 -1.66 32.67
C ALA C 193 -53.73 -0.99 32.01
N CYS C 194 -53.85 -0.74 30.71
CA CYS C 194 -52.85 0.06 30.02
C CYS C 194 -53.50 1.28 29.39
N GLU C 195 -53.00 2.46 29.74
CA GLU C 195 -53.53 3.71 29.24
C GLU C 195 -52.66 4.20 28.09
N VAL C 196 -53.30 4.52 26.96
CA VAL C 196 -52.59 4.85 25.74
C VAL C 196 -52.77 6.29 25.32
N THR C 197 -51.66 7.04 25.28
CA THR C 197 -51.66 8.41 24.77
C THR C 197 -51.14 8.42 23.34
N HIS C 198 -51.69 9.31 22.52
CA HIS C 198 -51.35 9.40 21.10
C HIS C 198 -51.99 10.65 20.53
N GLN C 199 -51.36 11.27 19.54
CA GLN C 199 -51.89 12.53 18.99
C GLN C 199 -53.21 12.31 18.25
N GLY C 200 -53.54 11.05 17.98
CA GLY C 200 -54.80 10.70 17.34
C GLY C 200 -55.90 10.49 18.35
N LEU C 201 -55.60 10.75 19.62
CA LEU C 201 -56.54 10.60 20.71
C LEU C 201 -56.75 11.92 21.45
N SER C 202 -57.99 12.39 21.49
CA SER C 202 -58.29 13.65 22.18
C SER C 202 -58.21 13.50 23.69
N SER C 203 -57.79 12.31 24.14
CA SER C 203 -57.67 12.04 25.57
C SER C 203 -57.29 10.58 25.80
N PRO C 204 -56.35 10.34 26.73
CA PRO C 204 -55.81 9.02 27.05
C PRO C 204 -56.87 7.92 27.19
N VAL C 205 -56.93 7.02 26.21
CA VAL C 205 -57.83 5.87 26.29
C VAL C 205 -57.19 4.69 27.00
N THR C 206 -57.89 4.17 28.01
CA THR C 206 -57.39 3.11 28.86
C THR C 206 -58.28 1.87 28.79
N LYS C 207 -57.69 0.74 28.42
CA LYS C 207 -58.40 -0.53 28.44
C LYS C 207 -57.94 -1.35 29.64
N SER C 208 -58.90 -1.94 30.35
CA SER C 208 -58.59 -2.71 31.55
C SER C 208 -59.37 -4.02 31.63
N PHE C 209 -59.06 -4.82 32.64
CA PHE C 209 -59.77 -6.05 32.93
C PHE C 209 -59.48 -6.47 34.36
N ASN C 210 -60.50 -6.90 35.09
CA ASN C 210 -60.34 -7.31 36.49
C ASN C 210 -60.00 -8.78 36.67
N ARG C 211 -61.01 -9.64 36.54
CA ARG C 211 -60.83 -11.10 36.63
C ARG C 211 -62.14 -11.90 36.57
N GLY C 212 -63.13 -11.39 35.86
CA GLY C 212 -64.39 -12.09 35.70
C GLY C 212 -64.58 -12.63 34.29
N GLU C 213 -65.79 -12.45 33.76
CA GLU C 213 -66.09 -12.76 32.35
C GLU C 213 -66.21 -14.26 32.05
N CYS C 214 -67.45 -14.74 31.94
CA CYS C 214 -67.72 -16.15 31.64
C CYS C 214 -68.07 -16.34 30.16
N GLU D 1 -25.20 -10.27 -13.25
CA GLU D 1 -25.08 -11.59 -12.66
C GLU D 1 -23.97 -11.65 -11.61
N VAL D 2 -23.53 -10.49 -11.16
CA VAL D 2 -22.61 -10.42 -10.04
C VAL D 2 -23.32 -10.99 -8.84
N GLN D 3 -22.68 -11.89 -8.12
CA GLN D 3 -23.33 -12.49 -6.97
C GLN D 3 -22.37 -12.80 -5.84
N LEU D 4 -22.63 -12.17 -4.69
CA LEU D 4 -21.93 -12.50 -3.46
C LEU D 4 -22.90 -13.33 -2.63
N VAL D 5 -22.63 -14.63 -2.52
CA VAL D 5 -23.50 -15.50 -1.75
C VAL D 5 -22.83 -15.97 -0.46
N GLN D 6 -23.40 -15.55 0.67
CA GLN D 6 -22.81 -15.85 1.96
C GLN D 6 -23.38 -17.09 2.65
N SER D 7 -22.60 -17.64 3.57
CA SER D 7 -22.98 -18.83 4.32
C SER D 7 -24.11 -18.56 5.30
N GLY D 8 -24.80 -19.62 5.71
CA GLY D 8 -26.03 -19.51 6.47
C GLY D 8 -25.87 -19.03 7.90
N ALA D 9 -26.97 -18.57 8.48
CA ALA D 9 -26.97 -18.02 9.82
C ALA D 9 -26.36 -18.97 10.85
N GLU D 10 -25.50 -18.44 11.71
CA GLU D 10 -24.83 -19.26 12.70
C GLU D 10 -25.18 -18.79 14.10
N VAL D 11 -25.08 -19.68 15.07
CA VAL D 11 -25.34 -19.34 16.48
C VAL D 11 -24.28 -20.00 17.38
N LYS D 12 -23.65 -19.19 18.23
CA LYS D 12 -22.53 -19.68 19.05
C LYS D 12 -22.54 -19.13 20.49
N LYS D 13 -21.79 -19.76 21.38
CA LYS D 13 -21.64 -19.29 22.75
C LYS D 13 -20.32 -18.54 22.92
N PRO D 14 -20.32 -17.48 23.75
CA PRO D 14 -19.13 -16.64 23.92
C PRO D 14 -17.86 -17.44 24.18
N GLY D 15 -16.83 -17.24 23.36
CA GLY D 15 -15.58 -17.96 23.52
C GLY D 15 -15.33 -18.98 22.43
N GLU D 16 -16.39 -19.40 21.75
CA GLU D 16 -16.24 -20.27 20.59
C GLU D 16 -15.64 -19.48 19.43
N SER D 17 -15.05 -20.20 18.49
CA SER D 17 -14.52 -19.59 17.28
C SER D 17 -15.53 -19.80 16.15
N LEU D 18 -15.35 -19.07 15.04
CA LEU D 18 -16.29 -19.14 13.93
C LEU D 18 -15.73 -18.51 12.66
N LYS D 19 -15.94 -19.19 11.53
CA LYS D 19 -15.48 -18.69 10.24
C LYS D 19 -16.65 -18.69 9.25
N ILE D 20 -16.99 -17.50 8.76
CA ILE D 20 -18.06 -17.39 7.77
C ILE D 20 -17.51 -17.05 6.39
N SER D 21 -18.23 -17.47 5.35
CA SER D 21 -17.74 -17.32 3.99
C SER D 21 -18.68 -16.49 3.12
N CYS D 22 -18.28 -16.30 1.88
CA CYS D 22 -19.05 -15.55 0.89
C CYS D 22 -18.50 -15.83 -0.48
N LYS D 23 -19.17 -16.73 -1.21
CA LYS D 23 -18.71 -17.12 -2.53
C LYS D 23 -19.19 -16.14 -3.60
N GLY D 24 -18.26 -15.64 -4.39
CA GLY D 24 -18.55 -14.72 -5.46
C GLY D 24 -18.51 -15.38 -6.83
N SER D 25 -19.26 -14.82 -7.78
CA SER D 25 -19.40 -15.40 -9.09
C SER D 25 -20.05 -14.40 -10.05
N GLY D 26 -19.94 -14.64 -11.35
CA GLY D 26 -20.52 -13.74 -12.34
C GLY D 26 -19.64 -12.54 -12.66
N TYR D 27 -18.41 -12.57 -12.19
CA TYR D 27 -17.49 -11.47 -12.42
C TYR D 27 -16.05 -11.94 -12.27
N SER D 28 -15.10 -11.21 -12.86
CA SER D 28 -13.68 -11.58 -12.79
C SER D 28 -13.15 -11.41 -11.38
N PHE D 29 -13.02 -12.54 -10.69
CA PHE D 29 -12.79 -12.55 -9.25
C PHE D 29 -11.52 -11.85 -8.81
N THR D 30 -10.53 -11.79 -9.68
CA THR D 30 -9.23 -11.30 -9.25
C THR D 30 -9.03 -9.81 -9.52
N THR D 31 -10.07 -9.17 -10.03
CA THR D 31 -10.01 -7.78 -10.44
C THR D 31 -10.54 -6.86 -9.36
N TYR D 32 -11.46 -7.40 -8.55
CA TYR D 32 -12.19 -6.64 -7.56
C TYR D 32 -11.80 -7.05 -6.15
N TRP D 33 -11.58 -6.06 -5.29
CA TRP D 33 -11.28 -6.28 -3.88
C TRP D 33 -12.55 -6.62 -3.10
N LEU D 34 -12.41 -7.42 -2.06
CA LEU D 34 -13.57 -7.78 -1.26
C LEU D 34 -13.51 -7.23 0.17
N GLY D 35 -14.67 -6.89 0.72
CA GLY D 35 -14.72 -6.27 2.03
C GLY D 35 -15.86 -6.79 2.89
N TRP D 36 -15.74 -6.61 4.20
CA TRP D 36 -16.79 -7.03 5.11
C TRP D 36 -17.34 -5.84 5.88
N VAL D 37 -18.58 -5.97 6.31
CA VAL D 37 -19.25 -4.93 7.09
C VAL D 37 -20.16 -5.58 8.14
N ARG D 38 -20.14 -5.05 9.35
CA ARG D 38 -21.08 -5.52 10.37
C ARG D 38 -22.24 -4.54 10.56
N GLN D 39 -23.40 -5.09 10.95
CA GLN D 39 -24.59 -4.29 11.28
C GLN D 39 -25.25 -4.88 12.52
N MET D 40 -25.05 -4.21 13.66
CA MET D 40 -25.58 -4.66 14.94
C MET D 40 -27.07 -4.39 15.07
N PRO D 41 -27.81 -5.29 15.76
CA PRO D 41 -29.26 -5.29 15.99
C PRO D 41 -29.85 -3.90 16.00
N GLY D 42 -30.50 -3.50 14.90
CA GLY D 42 -31.16 -2.22 14.82
C GLY D 42 -30.21 -1.05 14.82
N LYS D 43 -29.04 -1.22 14.23
CA LYS D 43 -28.05 -0.15 14.19
C LYS D 43 -27.50 0.12 12.79
N GLY D 44 -26.43 0.91 12.73
CA GLY D 44 -25.84 1.28 11.46
C GLY D 44 -24.80 0.27 11.01
N LEU D 45 -23.97 0.68 10.05
CA LEU D 45 -23.00 -0.21 9.42
C LEU D 45 -21.56 0.06 9.86
N ASP D 46 -20.92 -0.94 10.44
CA ASP D 46 -19.51 -0.81 10.76
C ASP D 46 -18.65 -1.38 9.62
N TRP D 47 -17.83 -0.52 9.04
CA TRP D 47 -16.87 -0.90 8.01
C TRP D 47 -15.75 -1.68 8.69
N ILE D 48 -15.69 -2.99 8.44
CA ILE D 48 -14.69 -3.85 9.09
C ILE D 48 -13.34 -3.74 8.40
N GLY D 49 -13.37 -3.71 7.07
CA GLY D 49 -12.14 -3.62 6.31
C GLY D 49 -12.25 -4.18 4.90
N ILE D 50 -11.12 -4.24 4.22
CA ILE D 50 -11.10 -4.47 2.79
C ILE D 50 -9.84 -5.28 2.45
N MET D 51 -9.82 -5.99 1.32
CA MET D 51 -8.70 -6.86 1.01
C MET D 51 -8.65 -7.36 -0.45
N SER D 52 -7.50 -7.86 -0.86
CA SER D 52 -7.32 -8.29 -2.23
C SER D 52 -7.52 -9.79 -2.39
N PRO D 53 -8.07 -10.19 -3.55
CA PRO D 53 -8.35 -11.58 -3.95
C PRO D 53 -7.07 -12.37 -4.30
N VAL D 54 -6.09 -11.69 -4.87
CA VAL D 54 -4.86 -12.34 -5.34
C VAL D 54 -3.79 -12.37 -4.24
N ASP D 55 -3.16 -11.22 -4.04
CA ASP D 55 -2.14 -11.09 -3.01
C ASP D 55 -2.76 -10.78 -1.64
N SER D 56 -2.03 -11.08 -0.57
CA SER D 56 -2.54 -10.85 0.78
C SER D 56 -2.33 -9.41 1.22
N ASP D 57 -3.00 -8.48 0.54
CA ASP D 57 -2.96 -7.06 0.88
C ASP D 57 -4.29 -6.69 1.54
N ILE D 58 -4.32 -6.72 2.87
CA ILE D 58 -5.54 -6.42 3.63
C ILE D 58 -5.52 -5.03 4.27
N ARG D 59 -6.70 -4.50 4.62
CA ARG D 59 -6.81 -3.17 5.20
C ARG D 59 -7.88 -3.10 6.31
N TYR D 60 -7.54 -3.49 7.53
CA TYR D 60 -8.49 -3.51 8.65
C TYR D 60 -8.82 -2.14 9.24
N SER D 61 -10.09 -1.88 9.52
CA SER D 61 -10.46 -0.73 10.33
C SER D 61 -9.82 -0.89 11.71
N PRO D 62 -9.12 0.15 12.20
CA PRO D 62 -8.35 0.03 13.45
C PRO D 62 -9.16 -0.58 14.59
N SER D 63 -10.48 -0.44 14.52
CA SER D 63 -11.35 -0.94 15.57
C SER D 63 -11.49 -2.46 15.51
N PHE D 64 -11.33 -3.03 14.31
CA PHE D 64 -11.46 -4.46 14.14
C PHE D 64 -10.10 -5.15 14.02
N GLN D 65 -9.04 -4.35 13.82
CA GLN D 65 -7.70 -4.89 13.75
C GLN D 65 -7.46 -5.86 14.91
N GLY D 66 -6.95 -7.04 14.60
CA GLY D 66 -6.63 -8.01 15.63
C GLY D 66 -7.83 -8.60 16.36
N GLN D 67 -9.03 -8.16 15.97
CA GLN D 67 -10.26 -8.70 16.54
C GLN D 67 -10.82 -9.77 15.60
N VAL D 68 -10.63 -9.56 14.30
CA VAL D 68 -11.13 -10.47 13.29
C VAL D 68 -10.05 -10.76 12.26
N THR D 69 -10.33 -11.67 11.35
CA THR D 69 -9.35 -12.11 10.36
C THR D 69 -10.01 -12.25 8.99
N MET D 70 -9.49 -11.53 8.01
CA MET D 70 -9.96 -11.62 6.63
C MET D 70 -9.04 -12.48 5.79
N SER D 71 -9.64 -13.26 4.90
CA SER D 71 -8.89 -14.18 4.08
C SER D 71 -9.61 -14.36 2.77
N VAL D 72 -9.02 -15.13 1.86
CA VAL D 72 -9.66 -15.39 0.58
C VAL D 72 -8.96 -16.51 -0.17
N ASP D 73 -9.69 -17.59 -0.40
CA ASP D 73 -9.20 -18.73 -1.16
C ASP D 73 -9.65 -18.60 -2.61
N LYS D 74 -8.85 -17.91 -3.41
CA LYS D 74 -9.26 -17.53 -4.76
C LYS D 74 -9.54 -18.71 -5.68
N SER D 75 -9.03 -19.88 -5.33
CA SER D 75 -9.25 -21.07 -6.16
C SER D 75 -10.72 -21.43 -6.22
N ILE D 76 -11.45 -21.15 -5.14
CA ILE D 76 -12.89 -21.38 -5.10
C ILE D 76 -13.67 -20.06 -5.07
N THR D 77 -12.96 -18.97 -5.21
CA THR D 77 -13.56 -17.64 -5.24
C THR D 77 -14.44 -17.37 -4.01
N THR D 78 -13.83 -17.47 -2.83
CA THR D 78 -14.57 -17.33 -1.59
C THR D 78 -13.78 -16.55 -0.56
N ALA D 79 -14.35 -15.46 -0.05
CA ALA D 79 -13.72 -14.68 1.02
C ALA D 79 -14.19 -15.17 2.38
N TYR D 80 -13.35 -14.99 3.39
CA TYR D 80 -13.66 -15.47 4.72
C TYR D 80 -13.48 -14.40 5.80
N LEU D 81 -14.42 -14.34 6.75
CA LEU D 81 -14.24 -13.56 7.96
C LEU D 81 -14.22 -14.53 9.14
N GLN D 82 -13.36 -14.28 10.12
CA GLN D 82 -13.09 -15.27 11.15
C GLN D 82 -12.85 -14.66 12.54
N TRP D 83 -13.32 -15.35 13.57
CA TRP D 83 -13.06 -14.95 14.94
C TRP D 83 -12.38 -16.12 15.65
N ASN D 84 -11.61 -15.85 16.68
CA ASN D 84 -11.05 -16.95 17.47
C ASN D 84 -11.78 -17.10 18.79
N SER D 85 -12.31 -15.99 19.29
CA SER D 85 -13.06 -16.00 20.52
C SER D 85 -14.17 -14.96 20.45
N LEU D 86 -15.40 -15.43 20.22
CA LEU D 86 -16.57 -14.58 20.11
C LEU D 86 -17.02 -14.03 21.45
N LYS D 87 -17.49 -12.79 21.43
CA LYS D 87 -18.08 -12.17 22.61
C LYS D 87 -19.57 -11.98 22.34
N ALA D 88 -20.35 -11.75 23.38
CA ALA D 88 -21.75 -11.44 23.17
C ALA D 88 -21.87 -10.27 22.20
N SER D 89 -21.00 -9.28 22.34
CA SER D 89 -21.12 -8.03 21.60
C SER D 89 -20.98 -8.24 20.11
N ASP D 90 -20.49 -9.42 19.73
CA ASP D 90 -20.17 -9.73 18.35
C ASP D 90 -21.41 -10.08 17.52
N THR D 91 -22.50 -10.43 18.19
CA THR D 91 -23.73 -10.83 17.52
C THR D 91 -24.28 -9.72 16.64
N ALA D 92 -24.36 -9.98 15.35
CA ALA D 92 -24.91 -9.01 14.41
C ALA D 92 -25.11 -9.65 13.06
N MET D 93 -25.42 -8.81 12.08
CA MET D 93 -25.49 -9.26 10.69
C MET D 93 -24.17 -8.91 10.05
N TYR D 94 -23.57 -9.87 9.34
CA TYR D 94 -22.30 -9.63 8.67
C TYR D 94 -22.42 -9.71 7.15
N TYR D 95 -22.39 -8.54 6.51
CA TYR D 95 -22.40 -8.45 5.05
C TYR D 95 -20.97 -8.50 4.49
N CYS D 96 -20.80 -9.17 3.35
CA CYS D 96 -19.56 -9.04 2.59
C CYS D 96 -19.91 -8.29 1.32
N ALA D 97 -19.03 -7.40 0.88
CA ALA D 97 -19.31 -6.57 -0.28
C ALA D 97 -18.13 -6.45 -1.24
N ARG D 98 -18.42 -6.02 -2.47
CA ARG D 98 -17.41 -5.88 -3.51
C ARG D 98 -17.01 -4.44 -3.73
N ARG D 99 -15.71 -4.17 -3.71
CA ARG D 99 -15.20 -2.82 -3.80
C ARG D 99 -14.95 -2.38 -5.25
N ARG D 100 -15.75 -1.43 -5.70
CA ARG D 100 -15.66 -0.88 -7.06
C ARG D 100 -14.33 -0.15 -7.27
N PRO D 101 -13.51 -0.65 -8.22
CA PRO D 101 -12.13 -0.22 -8.49
C PRO D 101 -12.06 1.19 -9.05
N GLY D 102 -11.12 1.96 -8.55
CA GLY D 102 -10.95 3.33 -8.98
C GLY D 102 -11.90 4.25 -8.25
N GLN D 103 -12.41 3.75 -7.12
CA GLN D 103 -13.32 4.54 -6.31
C GLN D 103 -13.08 4.20 -4.84
N GLY D 104 -13.46 2.98 -4.45
CA GLY D 104 -13.27 2.51 -3.09
C GLY D 104 -14.54 2.12 -2.35
N TYR D 105 -15.70 2.48 -2.91
CA TYR D 105 -16.96 2.14 -2.27
C TYR D 105 -17.41 0.74 -2.65
N PHE D 106 -18.56 0.32 -2.12
CA PHE D 106 -19.05 -1.02 -2.37
C PHE D 106 -20.04 -1.09 -3.54
N ASP D 107 -19.60 -1.77 -4.59
CA ASP D 107 -20.34 -2.06 -5.81
C ASP D 107 -21.60 -2.86 -5.56
N PHE D 108 -21.41 -4.00 -4.88
CA PHE D 108 -22.43 -5.02 -4.71
C PHE D 108 -22.31 -5.66 -3.34
N TRP D 109 -23.42 -6.21 -2.84
CA TRP D 109 -23.48 -6.70 -1.46
C TRP D 109 -23.88 -8.16 -1.34
N GLY D 110 -23.39 -8.82 -0.30
CA GLY D 110 -23.83 -10.16 0.02
C GLY D 110 -25.22 -10.06 0.64
N GLN D 111 -25.90 -11.18 0.82
CA GLN D 111 -27.24 -11.15 1.39
C GLN D 111 -27.22 -11.17 2.92
N GLY D 112 -26.02 -11.19 3.50
CA GLY D 112 -25.87 -11.13 4.94
C GLY D 112 -25.74 -12.50 5.56
N THR D 113 -25.05 -12.57 6.70
CA THR D 113 -24.98 -13.78 7.50
C THR D 113 -25.34 -13.42 8.93
N LEU D 114 -26.51 -13.85 9.38
CA LEU D 114 -26.91 -13.57 10.74
C LEU D 114 -26.02 -14.33 11.72
N VAL D 115 -25.39 -13.61 12.64
CA VAL D 115 -24.58 -14.24 13.66
C VAL D 115 -25.06 -13.91 15.06
N THR D 116 -25.37 -14.95 15.83
CA THR D 116 -25.85 -14.79 17.19
C THR D 116 -24.86 -15.41 18.18
N VAL D 117 -24.37 -14.58 19.09
CA VAL D 117 -23.52 -15.02 20.19
C VAL D 117 -24.26 -14.84 21.52
N SER D 118 -24.64 -15.94 22.16
CA SER D 118 -25.29 -15.86 23.46
C SER D 118 -24.90 -17.05 24.32
N SER D 119 -24.97 -16.86 25.63
CA SER D 119 -24.72 -17.96 26.57
C SER D 119 -25.97 -18.80 26.74
N SER D 120 -26.95 -18.57 25.87
CA SER D 120 -28.18 -19.33 25.89
C SER D 120 -28.07 -20.56 24.99
N SER D 121 -28.63 -21.67 25.44
CA SER D 121 -28.71 -22.88 24.62
C SER D 121 -30.03 -22.92 23.85
N THR D 122 -30.03 -23.62 22.73
CA THR D 122 -31.20 -23.70 21.85
C THR D 122 -32.43 -24.23 22.57
N LYS D 123 -33.58 -23.62 22.29
CA LYS D 123 -34.82 -24.01 22.92
C LYS D 123 -36.03 -23.64 22.08
N GLY D 124 -36.99 -24.54 21.99
CA GLY D 124 -38.26 -24.26 21.34
C GLY D 124 -39.07 -23.34 22.23
N PRO D 125 -40.13 -22.75 21.66
CA PRO D 125 -40.94 -21.78 22.40
C PRO D 125 -42.16 -22.40 23.07
N SER D 126 -42.77 -21.65 23.97
CA SER D 126 -44.08 -22.01 24.50
C SER D 126 -45.07 -21.14 23.77
N VAL D 127 -46.18 -21.74 23.33
CA VAL D 127 -47.22 -20.96 22.68
C VAL D 127 -48.43 -20.87 23.60
N PHE D 128 -48.89 -19.65 23.81
CA PHE D 128 -50.06 -19.40 24.64
C PHE D 128 -51.06 -18.57 23.86
N PRO D 129 -52.35 -18.72 24.17
CA PRO D 129 -53.41 -17.99 23.46
C PRO D 129 -53.61 -16.59 24.01
N LEU D 130 -54.06 -15.68 23.15
CA LEU D 130 -54.51 -14.37 23.59
C LEU D 130 -55.97 -14.21 23.21
N ALA D 131 -56.83 -14.83 24.01
CA ALA D 131 -58.25 -14.94 23.72
C ALA D 131 -58.94 -13.58 23.66
N PRO D 132 -59.89 -13.42 22.72
CA PRO D 132 -60.70 -12.21 22.59
C PRO D 132 -61.59 -12.03 23.81
N SER D 133 -61.71 -10.80 24.31
CA SER D 133 -62.49 -10.54 25.52
C SER D 133 -64.01 -10.58 25.29
N SER D 134 -64.62 -9.42 25.11
CA SER D 134 -66.07 -9.32 24.91
C SER D 134 -66.46 -8.00 24.25
N LYS D 135 -66.89 -8.08 22.99
CA LYS D 135 -67.22 -6.89 22.19
C LYS D 135 -68.54 -7.05 21.43
N SER D 136 -69.63 -7.34 22.14
CA SER D 136 -70.93 -7.55 21.50
C SER D 136 -71.45 -6.27 20.86
N GLY D 140 -69.30 -6.08 14.95
CA GLY D 140 -68.16 -5.69 15.77
C GLY D 140 -66.82 -6.12 15.19
N THR D 141 -65.75 -5.83 15.94
CA THR D 141 -64.39 -6.18 15.50
C THR D 141 -63.50 -6.52 16.69
N ALA D 142 -63.09 -7.77 16.80
CA ALA D 142 -62.29 -8.22 17.94
C ALA D 142 -60.88 -8.69 17.55
N ALA D 143 -59.99 -8.70 18.54
CA ALA D 143 -58.60 -9.05 18.34
C ALA D 143 -58.22 -10.33 19.08
N LEU D 144 -57.17 -11.00 18.61
CA LEU D 144 -56.66 -12.20 19.23
C LEU D 144 -55.27 -12.53 18.73
N GLY D 145 -54.68 -13.59 19.25
CA GLY D 145 -53.40 -14.05 18.76
C GLY D 145 -52.65 -14.97 19.69
N CYS D 146 -51.51 -15.47 19.22
CA CYS D 146 -50.67 -16.37 20.01
C CYS D 146 -49.45 -15.65 20.55
N LEU D 147 -49.16 -15.87 21.82
CA LEU D 147 -47.97 -15.34 22.44
C LEU D 147 -46.86 -16.38 22.39
N VAL D 148 -45.86 -16.13 21.56
CA VAL D 148 -44.71 -17.02 21.44
C VAL D 148 -43.60 -16.57 22.36
N LYS D 149 -43.35 -17.36 23.39
CA LYS D 149 -42.51 -16.90 24.50
C LYS D 149 -41.43 -17.89 24.88
N ASP D 150 -40.24 -17.37 25.16
CA ASP D 150 -39.14 -18.15 25.69
C ASP D 150 -38.58 -19.14 24.69
N TYR D 151 -37.90 -18.64 23.66
CA TYR D 151 -37.23 -19.50 22.69
C TYR D 151 -35.85 -18.95 22.29
N PHE D 152 -35.06 -19.79 21.64
CA PHE D 152 -33.72 -19.41 21.24
C PHE D 152 -33.14 -20.40 20.23
N PRO D 153 -32.57 -19.90 19.13
CA PRO D 153 -32.51 -18.47 18.81
C PRO D 153 -33.63 -18.09 17.84
N GLU D 154 -33.48 -16.95 17.18
CA GLU D 154 -34.36 -16.62 16.07
C GLU D 154 -33.79 -17.30 14.83
N PRO D 155 -34.61 -17.42 13.78
CA PRO D 155 -35.96 -16.86 13.70
C PRO D 155 -37.02 -17.85 14.16
N VAL D 156 -38.27 -17.44 13.96
CA VAL D 156 -39.39 -18.34 14.11
C VAL D 156 -40.47 -17.86 13.14
N THR D 157 -41.25 -18.78 12.61
CA THR D 157 -42.28 -18.45 11.63
C THR D 157 -43.65 -18.57 12.27
N VAL D 158 -44.59 -17.73 11.84
CA VAL D 158 -45.95 -17.76 12.38
C VAL D 158 -47.02 -17.43 11.36
N SER D 159 -47.90 -18.40 11.09
CA SER D 159 -49.03 -18.19 10.20
C SER D 159 -50.34 -18.56 10.90
N TRP D 160 -51.45 -18.32 10.21
CA TRP D 160 -52.75 -18.63 10.78
C TRP D 160 -53.56 -19.52 9.84
N ASN D 161 -54.24 -20.51 10.42
CA ASN D 161 -55.04 -21.47 9.66
C ASN D 161 -54.25 -22.06 8.48
N SER D 162 -53.05 -22.56 8.79
CA SER D 162 -52.22 -23.22 7.79
C SER D 162 -51.90 -22.30 6.62
N GLY D 163 -52.06 -21.00 6.82
CA GLY D 163 -51.74 -20.04 5.78
C GLY D 163 -52.97 -19.49 5.09
N ALA D 164 -54.14 -19.87 5.58
CA ALA D 164 -55.40 -19.37 5.03
C ALA D 164 -55.58 -17.91 5.38
N LEU D 165 -55.25 -17.58 6.63
CA LEU D 165 -55.48 -16.23 7.16
C LEU D 165 -54.21 -15.39 7.17
N THR D 166 -54.25 -14.27 6.46
CA THR D 166 -53.11 -13.37 6.34
C THR D 166 -53.53 -11.91 6.53
N SER D 167 -54.46 -11.46 5.71
CA SER D 167 -54.98 -10.10 5.77
C SER D 167 -55.45 -9.72 7.18
N GLY D 168 -54.59 -9.03 7.92
CA GLY D 168 -54.91 -8.59 9.26
C GLY D 168 -53.91 -9.06 10.31
N VAL D 169 -53.05 -10.00 9.91
CA VAL D 169 -52.02 -10.52 10.81
C VAL D 169 -50.94 -9.51 11.08
N HIS D 170 -50.54 -9.43 12.35
CA HIS D 170 -49.45 -8.57 12.78
C HIS D 170 -48.54 -9.41 13.66
N THR D 171 -47.51 -10.00 13.07
CA THR D 171 -46.53 -10.74 13.84
C THR D 171 -45.42 -9.78 14.24
N PHE D 172 -45.36 -9.42 15.51
CA PHE D 172 -44.38 -8.43 15.93
C PHE D 172 -42.94 -8.93 15.86
N PRO D 173 -41.98 -8.01 15.70
CA PRO D 173 -40.56 -8.33 15.83
C PRO D 173 -40.29 -8.91 17.20
N ALA D 174 -39.48 -9.96 17.28
CA ALA D 174 -39.23 -10.59 18.56
C ALA D 174 -38.55 -9.62 19.49
N VAL D 175 -38.50 -9.96 20.78
CA VAL D 175 -37.86 -9.10 21.77
C VAL D 175 -36.92 -9.92 22.65
N LEU D 176 -35.68 -9.47 22.77
CA LEU D 176 -34.72 -10.16 23.62
C LEU D 176 -34.99 -9.92 25.09
N GLN D 177 -35.57 -10.92 25.76
CA GLN D 177 -35.86 -10.83 27.19
C GLN D 177 -34.58 -10.81 28.00
N SER D 178 -34.65 -10.33 29.24
CA SER D 178 -33.47 -10.23 30.07
C SER D 178 -32.93 -11.61 30.44
N SER D 179 -33.77 -12.64 30.26
CA SER D 179 -33.39 -14.00 30.55
C SER D 179 -32.47 -14.54 29.46
N GLY D 180 -32.26 -13.74 28.43
CA GLY D 180 -31.44 -14.16 27.31
C GLY D 180 -32.24 -14.87 26.23
N LEU D 181 -33.51 -15.11 26.50
CA LEU D 181 -34.41 -15.79 25.56
C LEU D 181 -35.30 -14.80 24.80
N TYR D 182 -35.72 -15.19 23.61
CA TYR D 182 -36.55 -14.33 22.77
C TYR D 182 -38.03 -14.56 23.03
N SER D 183 -38.86 -13.64 22.55
CA SER D 183 -40.30 -13.74 22.69
C SER D 183 -40.98 -12.75 21.75
N LEU D 184 -42.01 -13.19 21.05
CA LEU D 184 -42.79 -12.31 20.20
C LEU D 184 -44.27 -12.54 20.41
N SER D 185 -45.09 -11.79 19.68
CA SER D 185 -46.53 -11.91 19.76
C SER D 185 -47.10 -11.75 18.36
N SER D 186 -48.00 -12.62 17.96
CA SER D 186 -48.64 -12.49 16.66
C SER D 186 -50.16 -12.43 16.80
N VAL D 187 -50.74 -11.32 16.33
CA VAL D 187 -52.17 -11.08 16.52
C VAL D 187 -52.93 -10.92 15.20
N VAL D 188 -54.26 -10.92 15.30
CA VAL D 188 -55.13 -10.80 14.14
C VAL D 188 -56.36 -9.99 14.46
N THR D 189 -56.81 -9.19 13.50
CA THR D 189 -58.04 -8.44 13.69
C THR D 189 -59.15 -9.02 12.83
N VAL D 190 -60.20 -9.49 13.50
CA VAL D 190 -61.34 -10.11 12.85
C VAL D 190 -62.64 -9.45 13.28
N PRO D 191 -63.74 -9.72 12.56
CA PRO D 191 -65.06 -9.26 13.01
C PRO D 191 -65.57 -10.11 14.16
N SER D 192 -66.22 -9.49 15.14
CA SER D 192 -66.68 -10.23 16.32
C SER D 192 -67.63 -11.36 15.96
N SER D 193 -68.07 -11.40 14.70
CA SER D 193 -69.12 -12.32 14.29
C SER D 193 -68.61 -13.67 13.79
N SER D 194 -67.29 -13.86 13.81
CA SER D 194 -66.68 -15.09 13.31
C SER D 194 -66.19 -15.99 14.44
N LEU D 195 -66.28 -15.49 15.67
CA LEU D 195 -65.92 -16.25 16.85
C LEU D 195 -66.96 -17.35 17.12
N GLY D 196 -66.56 -18.60 16.95
CA GLY D 196 -67.47 -19.73 17.12
C GLY D 196 -67.75 -20.44 15.82
N THR D 197 -67.77 -19.69 14.72
CA THR D 197 -68.05 -20.25 13.41
C THR D 197 -66.81 -20.90 12.77
N GLN D 198 -65.88 -20.08 12.26
CA GLN D 198 -64.64 -20.61 11.70
C GLN D 198 -63.48 -20.37 12.66
N THR D 199 -63.13 -21.41 13.43
CA THR D 199 -62.08 -21.30 14.44
C THR D 199 -60.77 -20.74 13.90
N TYR D 200 -59.90 -20.31 14.80
CA TYR D 200 -58.59 -19.76 14.42
C TYR D 200 -57.45 -20.49 15.12
N ILE D 201 -56.43 -20.86 14.36
CA ILE D 201 -55.27 -21.55 14.91
C ILE D 201 -53.98 -20.94 14.41
N CYS D 202 -53.09 -20.57 15.34
CA CYS D 202 -51.80 -20.02 14.97
C CYS D 202 -50.76 -21.13 14.83
N ASN D 203 -50.05 -21.12 13.71
CA ASN D 203 -49.05 -22.12 13.42
C ASN D 203 -47.63 -21.60 13.71
N VAL D 204 -47.04 -22.10 14.79
CA VAL D 204 -45.70 -21.67 15.17
C VAL D 204 -44.67 -22.70 14.75
N ASN D 205 -43.63 -22.24 14.07
CA ASN D 205 -42.57 -23.12 13.61
C ASN D 205 -41.19 -22.54 13.94
N HIS D 206 -40.44 -23.26 14.77
CA HIS D 206 -39.10 -22.84 15.17
C HIS D 206 -38.09 -23.89 14.72
N LYS D 207 -37.57 -23.72 13.51
CA LYS D 207 -36.72 -24.73 12.89
C LYS D 207 -35.50 -25.18 13.72
N PRO D 208 -34.82 -24.22 14.39
CA PRO D 208 -33.66 -24.58 15.21
C PRO D 208 -33.90 -25.64 16.28
N SER D 209 -35.06 -26.30 16.28
CA SER D 209 -35.29 -27.40 17.20
C SER D 209 -36.49 -28.25 16.82
N ASN D 210 -36.75 -28.34 15.52
CA ASN D 210 -37.79 -29.21 14.98
C ASN D 210 -39.19 -28.88 15.49
N THR D 211 -39.27 -27.97 16.44
CA THR D 211 -40.52 -27.67 17.12
C THR D 211 -41.53 -26.99 16.22
N LYS D 212 -42.71 -27.61 16.09
CA LYS D 212 -43.85 -26.93 15.51
C LYS D 212 -45.04 -27.06 16.46
N VAL D 213 -45.68 -25.94 16.74
CA VAL D 213 -46.81 -25.92 17.67
C VAL D 213 -48.03 -25.28 17.01
N ASP D 214 -49.20 -25.88 17.24
CA ASP D 214 -50.45 -25.37 16.69
C ASP D 214 -51.46 -25.14 17.80
N LYS D 215 -51.54 -23.90 18.26
CA LYS D 215 -52.50 -23.55 19.31
C LYS D 215 -53.75 -22.91 18.73
N ARG D 216 -54.91 -23.40 19.18
CA ARG D 216 -56.18 -22.85 18.77
C ARG D 216 -56.59 -21.75 19.74
N VAL D 217 -57.10 -20.64 19.22
CA VAL D 217 -57.52 -19.54 20.07
C VAL D 217 -59.04 -19.40 20.08
N GLU D 218 -59.62 -19.36 21.28
CA GLU D 218 -61.06 -19.28 21.47
C GLU D 218 -61.41 -18.36 22.63
N PRO D 219 -62.63 -17.83 22.65
CA PRO D 219 -63.11 -16.97 23.75
C PRO D 219 -63.35 -17.76 25.03
N LYS D 220 -63.85 -17.09 26.07
CA LYS D 220 -64.16 -17.73 27.35
C LYS D 220 -64.72 -16.76 28.38
C1 NAG E . 12.43 7.41 -9.88
C2 NAG E . 12.20 8.25 -11.14
C3 NAG E . 11.93 9.70 -10.75
C4 NAG E . 10.73 9.76 -9.81
C5 NAG E . 11.08 8.96 -8.57
C6 NAG E . 9.87 8.88 -7.64
C7 NAG E . 13.18 8.05 -13.37
C8 NAG E . 13.12 9.34 -14.15
N2 NAG E . 13.33 8.17 -12.05
O3 NAG E . 11.72 10.50 -11.89
O4 NAG E . 10.44 11.11 -9.49
O5 NAG E . 11.45 7.62 -8.89
O6 NAG E . 8.85 8.17 -8.31
O7 NAG E . 13.09 6.97 -13.96
C1 NAG E . 9.27 11.60 -10.17
C2 NAG E . 8.72 12.78 -9.39
C3 NAG E . 7.61 13.53 -10.12
C4 NAG E . 7.98 13.83 -11.56
C5 NAG E . 8.60 12.65 -12.27
C6 NAG E . 9.32 13.17 -13.52
C7 NAG E . 8.88 13.05 -7.00
C8 NAG E . 8.10 13.09 -5.73
N2 NAG E . 8.33 12.43 -8.04
O3 NAG E . 7.36 14.77 -9.50
O4 NAG E . 6.78 14.26 -12.19
O5 NAG E . 9.57 11.96 -11.51
O6 NAG E . 8.37 13.77 -14.38
O7 NAG E . 9.99 13.61 -7.05
C1 BMA E . 6.93 15.52 -12.65
C2 BMA E . 5.89 15.64 -13.73
C3 BMA E . 5.87 17.04 -14.36
C4 BMA E . 5.75 18.00 -13.23
C5 BMA E . 6.72 17.64 -12.08
C6 BMA E . 6.74 18.69 -10.95
O2 BMA E . 4.65 15.17 -13.19
O3 BMA E . 4.76 17.18 -15.20
O4 BMA E . 5.89 19.28 -13.76
O5 BMA E . 6.58 16.31 -11.58
O6 BMA E . 6.08 18.42 -9.73
C1 MAN E . 4.85 17.63 -16.54
C2 MAN E . 5.65 16.60 -17.32
C3 MAN E . 5.32 16.80 -18.80
C4 MAN E . 5.19 18.28 -19.10
C5 MAN E . 5.94 19.12 -18.04
C6 MAN E . 5.87 20.62 -18.34
O2 MAN E . 5.30 15.29 -16.94
O3 MAN E . 4.11 16.15 -19.12
O4 MAN E . 5.72 18.54 -20.37
O5 MAN E . 5.41 18.91 -16.74
O6 MAN E . 6.90 21.00 -19.22
C1 MAN E . 4.95 19.29 -9.38
C2 MAN E . 4.37 18.74 -8.05
C3 MAN E . 3.20 19.66 -7.65
C4 MAN E . 2.13 19.84 -8.79
C5 MAN E . 2.84 20.50 -9.99
C6 MAN E . 3.23 22.03 -9.75
O2 MAN E . 5.46 18.61 -7.09
O3 MAN E . 3.69 20.98 -7.22
O4 MAN E . 1.35 18.69 -9.18
O5 MAN E . 3.94 19.64 -10.37
O6 MAN E . 2.48 23.10 -10.28
#